data_6K5L
#
_entry.id   6K5L
#
_cell.length_a   124.484
_cell.length_b   124.484
_cell.length_c   266.824
_cell.angle_alpha   90.00
_cell.angle_beta   90.00
_cell.angle_gamma   90.00
#
_symmetry.space_group_name_H-M   'P 41 21 2'
#
loop_
_entity.id
_entity.type
_entity.pdbx_description
1 polymer 'Isocitrate dehydrogenase kinase/phosphatase'
2 non-polymer 'ADENOSINE MONOPHOSPHATE'
3 non-polymer "ADENOSINE-5'-DIPHOSPHATE"
4 non-polymer 'MANGANESE (II) ION'
5 water water
#
_entity_poly.entity_id   1
_entity_poly.type   'polypeptide(L)'
_entity_poly.pdbx_seq_one_letter_code
;MPRGLELLIAQTILQGFDAQYGRFLEVTSGAQQRFEQADWHAVQQAMKNRIHLYDHHVGLVVEQLRCITNGQSTDAEFLL
RVKEHYTRLLPDYPRFEIAESFFNSVYCRLFDHRSLTPERLFIFSSQPERRFRTIPRPLAKDFHPDHGWESLLMRVISDL
PLRLHWQNKSRDIHYIIRHLTETLGPENLSKSHLQVANELFYRNKAAWLVGKLITPSGTLPFLLPIHQTDDGELFIDTCL
TTTAEASIVFGFARSYFMVYAPLPAALVEWLREILPGKTTAELYMAIGCQKHAKTESYREYLVYLQGCNEQFIEAPGIRG
MVMLVFTLPGFDRVFKVIKDKFAPQKEMSAAHVRACYQLVKEHDRVGRMADTQEFENFVLEKRHISPALMELLLQEAAEK
ITDLGEQIVIRHLYIERRMVPLNIWLEQVEGQQLRDAIEEYGNAIRQLAAANIFPGDMLFKNFGVTRHGRVVFYDYDEIC
YMTEVNFRDIPPPRYPEDELASEPWYSVSPGDVFPEEFRHWLCADPRIGPLFEEMHADLFRADYWRALQNRIREGHVEDV
YAYRRRQRFSVRYGEMLF
;
_entity_poly.pdbx_strand_id   A,B
#
# COMPACT_ATOMS: atom_id res chain seq x y z
N MET A 1 35.80 -21.53 -27.84
CA MET A 1 36.46 -20.22 -28.09
C MET A 1 36.31 -19.32 -26.87
N PRO A 2 37.39 -18.59 -26.54
CA PRO A 2 37.21 -17.42 -25.67
C PRO A 2 36.46 -16.33 -26.40
N ARG A 3 36.60 -16.30 -27.73
CA ARG A 3 35.98 -15.32 -28.59
C ARG A 3 34.54 -15.70 -28.95
N GLY A 4 34.23 -17.00 -28.95
CA GLY A 4 32.86 -17.43 -29.10
C GLY A 4 31.99 -16.95 -27.96
N LEU A 5 32.47 -17.10 -26.73
CA LEU A 5 31.71 -16.61 -25.58
C LEU A 5 31.39 -15.13 -25.74
N GLU A 6 32.39 -14.32 -26.09
CA GLU A 6 32.16 -12.90 -26.27
C GLU A 6 31.04 -12.62 -27.24
N LEU A 7 31.01 -13.36 -28.35
CA LEU A 7 29.99 -13.15 -29.37
C LEU A 7 28.63 -13.72 -28.92
N LEU A 8 28.65 -14.87 -28.23
CA LEU A 8 27.41 -15.44 -27.72
C LEU A 8 26.72 -14.47 -26.78
N ILE A 9 27.49 -13.79 -25.93
CA ILE A 9 26.89 -12.81 -25.03
C ILE A 9 26.33 -11.63 -25.82
N ALA A 10 27.14 -11.10 -26.76
CA ALA A 10 26.68 -9.99 -27.57
C ALA A 10 25.38 -10.31 -28.28
N GLN A 11 25.26 -11.54 -28.80
CA GLN A 11 24.03 -11.93 -29.49
C GLN A 11 22.91 -12.17 -28.49
N THR A 12 23.24 -12.62 -27.28
CA THR A 12 22.22 -12.80 -26.25
C THR A 12 21.60 -11.46 -25.88
N ILE A 13 22.44 -10.45 -25.62
CA ILE A 13 21.93 -9.13 -25.30
C ILE A 13 21.03 -8.62 -26.43
N LEU A 14 21.54 -8.65 -27.66
CA LEU A 14 20.74 -8.17 -28.77
C LEU A 14 19.47 -8.99 -28.95
N GLN A 15 19.53 -10.29 -28.66
CA GLN A 15 18.30 -11.08 -28.74
C GLN A 15 17.28 -10.60 -27.73
N GLY A 16 17.73 -10.30 -26.51
CA GLY A 16 16.81 -9.79 -25.51
C GLY A 16 16.10 -8.54 -25.98
N PHE A 17 16.85 -7.61 -26.58
CA PHE A 17 16.23 -6.40 -27.08
C PHE A 17 15.24 -6.70 -28.22
N ASP A 18 15.63 -7.60 -29.13
CA ASP A 18 14.67 -8.03 -30.15
C ASP A 18 13.34 -8.39 -29.53
N ALA A 19 13.38 -9.24 -28.50
CA ALA A 19 12.16 -9.71 -27.84
C ALA A 19 11.49 -8.58 -27.08
N GLN A 20 12.26 -7.78 -26.35
CA GLN A 20 11.68 -6.70 -25.55
C GLN A 20 10.88 -5.76 -26.43
N TYR A 21 11.47 -5.27 -27.53
CA TYR A 21 10.70 -4.35 -28.34
C TYR A 21 9.54 -5.04 -29.03
N GLY A 22 9.69 -6.33 -29.35
CA GLY A 22 8.57 -7.06 -29.91
C GLY A 22 7.41 -7.14 -28.95
N ARG A 23 7.69 -7.38 -27.66
CA ARG A 23 6.61 -7.41 -26.69
C ARG A 23 6.05 -6.01 -26.46
N PHE A 24 6.90 -5.00 -26.49
CA PHE A 24 6.41 -3.63 -26.36
C PHE A 24 5.38 -3.34 -27.43
N LEU A 25 5.66 -3.76 -28.67
CA LEU A 25 4.73 -3.54 -29.76
C LEU A 25 3.46 -4.38 -29.59
N GLU A 26 3.58 -5.58 -29.05
CA GLU A 26 2.40 -6.43 -28.93
C GLU A 26 1.41 -5.86 -27.93
N VAL A 27 1.91 -5.41 -26.77
CA VAL A 27 1.05 -4.73 -25.80
C VAL A 27 0.41 -3.50 -26.42
N THR A 28 1.23 -2.68 -27.11
CA THR A 28 0.73 -1.45 -27.72
C THR A 28 -0.32 -1.74 -28.78
N SER A 29 -0.10 -2.79 -29.59
CA SER A 29 -1.04 -3.18 -30.64
C SER A 29 -2.43 -3.36 -30.08
N GLY A 30 -2.54 -3.82 -28.83
CA GLY A 30 -3.83 -4.07 -28.25
C GLY A 30 -4.56 -2.86 -27.74
N ALA A 31 -4.00 -1.66 -27.96
CA ALA A 31 -4.64 -0.45 -27.46
C ALA A 31 -5.96 -0.19 -28.17
N GLN A 32 -6.07 -0.53 -29.46
CA GLN A 32 -7.30 -0.28 -30.18
C GLN A 32 -8.46 -1.08 -29.58
N GLN A 33 -8.27 -2.37 -29.37
CA GLN A 33 -9.35 -3.20 -28.83
C GLN A 33 -9.77 -2.71 -27.45
N ARG A 34 -8.80 -2.37 -26.60
CA ARG A 34 -9.12 -1.86 -25.27
C ARG A 34 -9.98 -0.60 -25.37
N PHE A 35 -9.63 0.29 -26.29
CA PHE A 35 -10.44 1.48 -26.52
C PHE A 35 -11.80 1.13 -27.10
N GLU A 36 -11.81 0.27 -28.12
CA GLU A 36 -13.06 -0.04 -28.81
C GLU A 36 -14.08 -0.64 -27.86
N GLN A 37 -13.65 -1.47 -26.92
CA GLN A 37 -14.57 -2.06 -25.96
C GLN A 37 -14.58 -1.32 -24.62
N ALA A 38 -14.18 -0.04 -24.64
CA ALA A 38 -14.19 0.84 -23.47
C ALA A 38 -13.79 0.14 -22.18
N ASP A 39 -12.79 -0.73 -22.26
CA ASP A 39 -12.28 -1.43 -21.08
C ASP A 39 -11.23 -0.54 -20.42
N TRP A 40 -11.71 0.50 -19.73
CA TRP A 40 -10.80 1.53 -19.24
C TRP A 40 -9.86 1.00 -18.17
N HIS A 41 -10.23 -0.06 -17.46
CA HIS A 41 -9.33 -0.63 -16.47
C HIS A 41 -8.28 -1.52 -17.13
N ALA A 42 -8.61 -2.14 -18.26
CA ALA A 42 -7.58 -2.78 -19.09
C ALA A 42 -6.59 -1.76 -19.62
N VAL A 43 -7.07 -0.60 -20.05
CA VAL A 43 -6.18 0.45 -20.55
C VAL A 43 -5.13 0.82 -19.51
N GLN A 44 -5.56 1.00 -18.26
CA GLN A 44 -4.64 1.38 -17.20
C GLN A 44 -3.71 0.24 -16.84
N GLN A 45 -4.21 -0.99 -16.84
CA GLN A 45 -3.33 -2.12 -16.55
C GLN A 45 -2.31 -2.30 -17.66
N ALA A 46 -2.69 -2.02 -18.90
CA ALA A 46 -1.77 -2.14 -20.03
C ALA A 46 -0.62 -1.15 -19.91
N MET A 47 -0.89 0.05 -19.42
CA MET A 47 0.17 1.04 -19.23
C MET A 47 1.17 0.56 -18.19
N LYS A 48 0.69 0.00 -17.08
CA LYS A 48 1.60 -0.56 -16.10
C LYS A 48 2.39 -1.73 -16.71
N ASN A 49 1.70 -2.65 -17.36
CA ASN A 49 2.37 -3.80 -17.94
C ASN A 49 3.48 -3.38 -18.90
N ARG A 50 3.16 -2.47 -19.84
CA ARG A 50 4.15 -2.07 -20.83
C ARG A 50 5.32 -1.34 -20.18
N ILE A 51 5.06 -0.63 -19.09
CA ILE A 51 6.13 0.07 -18.38
C ILE A 51 7.14 -0.90 -17.80
N HIS A 52 6.71 -2.09 -17.40
CA HIS A 52 7.58 -3.05 -16.72
C HIS A 52 8.34 -3.94 -17.69
N LEU A 53 7.99 -3.89 -18.97
CA LEU A 53 8.55 -4.83 -19.94
C LEU A 53 10.06 -4.75 -20.02
N TYR A 54 10.60 -3.54 -20.21
CA TYR A 54 12.04 -3.38 -20.43
C TYR A 54 12.85 -3.95 -19.26
N ASP A 55 12.52 -3.53 -18.04
CA ASP A 55 13.27 -4.00 -16.89
C ASP A 55 13.21 -5.52 -16.77
N HIS A 56 12.06 -6.11 -17.12
CA HIS A 56 11.94 -7.56 -17.10
C HIS A 56 12.98 -8.20 -18.02
N HIS A 57 13.02 -7.75 -19.28
CA HIS A 57 13.90 -8.38 -20.26
C HIS A 57 15.37 -8.13 -19.95
N VAL A 58 15.70 -6.93 -19.47
CA VAL A 58 17.06 -6.70 -19.00
C VAL A 58 17.41 -7.71 -17.91
N GLY A 59 16.49 -7.90 -16.95
CA GLY A 59 16.72 -8.86 -15.89
C GLY A 59 16.93 -10.26 -16.43
N LEU A 60 16.04 -10.69 -17.33
CA LEU A 60 16.20 -12.02 -17.92
C LEU A 60 17.55 -12.15 -18.60
N VAL A 61 17.92 -11.17 -19.43
CA VAL A 61 19.20 -11.25 -20.13
C VAL A 61 20.34 -11.35 -19.13
N VAL A 62 20.22 -10.65 -17.99
CA VAL A 62 21.31 -10.67 -17.02
C VAL A 62 21.41 -12.05 -16.36
N GLU A 63 20.28 -12.66 -16.02
CA GLU A 63 20.35 -14.01 -15.46
C GLU A 63 20.86 -15.00 -16.49
N GLN A 64 20.55 -14.78 -17.78
CA GLN A 64 21.12 -15.62 -18.83
C GLN A 64 22.63 -15.45 -18.89
N LEU A 65 23.09 -14.21 -18.89
CA LEU A 65 24.53 -14.00 -18.86
C LEU A 65 25.14 -14.64 -17.63
N ARG A 66 24.47 -14.53 -16.48
CA ARG A 66 25.02 -15.10 -15.26
C ARG A 66 25.23 -16.60 -15.41
N CYS A 67 24.21 -17.30 -15.93
CA CYS A 67 24.32 -18.75 -16.04
C CYS A 67 25.21 -19.16 -17.21
N ILE A 68 25.32 -18.34 -18.25
CA ILE A 68 26.16 -18.68 -19.39
C ILE A 68 27.64 -18.50 -19.10
N THR A 69 28.02 -17.37 -18.51
CA THR A 69 29.45 -17.11 -18.38
C THR A 69 30.09 -17.82 -17.20
N ASN A 70 29.33 -18.18 -16.19
CA ASN A 70 29.91 -18.81 -14.99
C ASN A 70 31.08 -17.97 -14.47
N GLY A 71 30.77 -16.71 -14.17
CA GLY A 71 31.73 -15.84 -13.51
C GLY A 71 32.21 -14.64 -14.31
N GLN A 72 32.42 -14.82 -15.62
CA GLN A 72 33.07 -13.78 -16.41
C GLN A 72 32.16 -12.59 -16.71
N SER A 73 30.85 -12.72 -16.48
CA SER A 73 29.91 -11.62 -16.65
C SER A 73 30.31 -10.44 -15.78
N THR A 74 31.23 -10.69 -14.85
CA THR A 74 31.78 -9.62 -14.03
C THR A 74 33.14 -9.14 -14.49
N ASP A 75 33.90 -9.96 -15.24
CA ASP A 75 35.13 -9.50 -15.86
C ASP A 75 34.83 -8.29 -16.73
N ALA A 76 35.61 -7.24 -16.56
CA ALA A 76 35.39 -6.01 -17.30
C ALA A 76 36.05 -6.00 -18.67
N GLU A 77 37.29 -6.48 -18.77
CA GLU A 77 37.91 -6.62 -20.08
C GLU A 77 37.09 -7.55 -21.00
N PHE A 78 36.49 -8.63 -20.45
CA PHE A 78 35.58 -9.46 -21.24
C PHE A 78 34.44 -8.61 -21.79
N LEU A 79 33.77 -7.85 -20.91
CA LEU A 79 32.59 -7.09 -21.32
C LEU A 79 32.97 -5.87 -22.14
N LEU A 80 34.23 -5.45 -22.11
CA LEU A 80 34.70 -4.48 -23.08
C LEU A 80 34.88 -5.10 -24.46
N ARG A 81 35.13 -6.41 -24.52
CA ARG A 81 35.23 -7.08 -25.81
C ARG A 81 33.86 -7.45 -26.33
N VAL A 82 32.94 -7.80 -25.43
CA VAL A 82 31.53 -7.93 -25.81
C VAL A 82 31.02 -6.63 -26.42
N LYS A 83 31.35 -5.50 -25.78
CA LYS A 83 30.86 -4.23 -26.31
C LYS A 83 31.40 -3.95 -27.70
N GLU A 84 32.62 -4.37 -28.00
CA GLU A 84 33.13 -4.15 -29.35
C GLU A 84 32.33 -4.98 -30.35
N HIS A 85 32.02 -6.23 -30.00
CA HIS A 85 31.24 -7.06 -30.91
C HIS A 85 29.84 -6.51 -31.09
N TYR A 86 29.20 -6.12 -29.98
CA TYR A 86 27.87 -5.53 -30.03
C TYR A 86 27.85 -4.28 -30.90
N THR A 87 28.85 -3.42 -30.74
CA THR A 87 28.93 -2.21 -31.55
C THR A 87 28.91 -2.55 -33.03
N ARG A 88 29.63 -3.62 -33.41
CA ARG A 88 29.75 -4.02 -34.81
C ARG A 88 28.47 -4.67 -35.34
N LEU A 89 27.55 -5.06 -34.45
CA LEU A 89 26.27 -5.58 -34.89
C LEU A 89 25.24 -4.50 -35.21
N LEU A 90 25.54 -3.23 -34.92
CA LEU A 90 24.49 -2.22 -34.94
C LEU A 90 24.28 -1.54 -36.29
N PRO A 91 25.30 -1.46 -37.16
CA PRO A 91 25.10 -0.70 -38.39
C PRO A 91 23.96 -1.19 -39.23
N ASP A 92 23.65 -2.51 -39.22
CA ASP A 92 22.49 -2.95 -40.00
C ASP A 92 21.18 -2.81 -39.20
N TYR A 93 21.23 -2.84 -37.86
CA TYR A 93 20.00 -2.97 -37.03
C TYR A 93 19.11 -1.72 -37.02
N PRO A 94 17.81 -1.86 -37.25
CA PRO A 94 16.97 -0.67 -37.41
C PRO A 94 16.82 0.17 -36.13
N ARG A 95 16.62 -0.46 -34.99
CA ARG A 95 16.43 0.29 -33.74
C ARG A 95 17.73 0.36 -32.95
N PHE A 96 18.80 0.78 -33.61
CA PHE A 96 20.13 0.69 -33.01
C PHE A 96 20.27 1.62 -31.81
N GLU A 97 19.61 2.77 -31.82
CA GLU A 97 19.74 3.70 -30.71
C GLU A 97 19.20 3.08 -29.43
N ILE A 98 18.13 2.29 -29.54
CA ILE A 98 17.56 1.65 -28.37
C ILE A 98 18.33 0.38 -28.03
N ALA A 99 18.87 -0.31 -29.04
CA ALA A 99 19.75 -1.43 -28.77
C ALA A 99 20.91 -1.03 -27.87
N GLU A 100 21.45 0.17 -28.08
CA GLU A 100 22.51 0.67 -27.22
C GLU A 100 21.98 0.91 -25.81
N SER A 101 20.79 1.49 -25.68
CA SER A 101 20.18 1.65 -24.36
C SER A 101 20.03 0.31 -23.65
N PHE A 102 19.57 -0.72 -24.37
CA PHE A 102 19.36 -2.01 -23.73
C PHE A 102 20.68 -2.60 -23.24
N PHE A 103 21.73 -2.51 -24.05
CA PHE A 103 23.05 -2.91 -23.61
C PHE A 103 23.47 -2.12 -22.38
N ASN A 104 23.27 -0.79 -22.42
CA ASN A 104 23.60 0.02 -21.27
C ASN A 104 22.95 -0.52 -20.02
N SER A 105 21.67 -0.87 -20.10
CA SER A 105 20.94 -1.36 -18.93
C SER A 105 21.51 -2.71 -18.47
N VAL A 106 21.87 -3.58 -19.39
CA VAL A 106 22.49 -4.83 -18.98
C VAL A 106 23.80 -4.56 -18.26
N TYR A 107 24.64 -3.71 -18.85
CA TYR A 107 25.90 -3.34 -18.20
C TYR A 107 25.64 -2.84 -16.79
N CYS A 108 24.64 -1.97 -16.63
CA CYS A 108 24.46 -1.31 -15.34
C CYS A 108 23.99 -2.29 -14.30
N ARG A 109 23.23 -3.30 -14.71
CA ARG A 109 22.84 -4.35 -13.79
C ARG A 109 24.05 -5.13 -13.30
N LEU A 110 24.90 -5.56 -14.23
CA LEU A 110 26.06 -6.36 -13.87
C LEU A 110 26.90 -5.66 -12.81
N PHE A 111 27.06 -4.35 -12.91
CA PHE A 111 27.98 -3.61 -12.05
C PHE A 111 27.28 -2.65 -11.09
N ASP A 112 26.04 -2.96 -10.72
CA ASP A 112 25.28 -2.14 -9.78
C ASP A 112 25.41 -0.64 -10.11
N HIS A 113 25.28 -0.33 -11.40
CA HIS A 113 25.32 1.04 -11.89
C HIS A 113 26.60 1.76 -11.46
N ARG A 114 27.69 1.00 -11.41
CA ARG A 114 29.00 1.54 -11.10
C ARG A 114 29.89 1.44 -12.33
N SER A 115 30.92 2.28 -12.35
CA SER A 115 31.98 2.20 -13.37
C SER A 115 31.45 2.50 -14.76
N LEU A 116 30.56 3.48 -14.88
CA LEU A 116 30.02 3.88 -16.17
C LEU A 116 31.04 4.79 -16.85
N THR A 117 31.72 4.30 -17.86
CA THR A 117 32.64 5.12 -18.63
C THR A 117 32.27 5.06 -20.10
N PRO A 118 32.64 6.07 -20.89
CA PRO A 118 32.24 6.07 -22.31
C PRO A 118 32.77 4.89 -23.10
N GLU A 119 33.83 4.24 -22.64
CA GLU A 119 34.35 3.09 -23.37
C GLU A 119 33.60 1.80 -23.06
N ARG A 120 33.03 1.68 -21.85
CA ARG A 120 32.41 0.43 -21.41
C ARG A 120 30.95 0.30 -21.79
N LEU A 121 30.27 1.41 -22.09
CA LEU A 121 28.89 1.34 -22.53
C LEU A 121 28.60 2.55 -23.39
N PHE A 122 27.39 2.60 -23.96
CA PHE A 122 27.06 3.64 -24.92
C PHE A 122 26.49 4.88 -24.22
N ILE A 123 27.31 5.45 -23.33
CA ILE A 123 26.94 6.75 -22.76
C ILE A 123 26.56 7.71 -23.87
N PHE A 124 27.35 7.72 -24.94
CA PHE A 124 26.98 8.37 -26.18
C PHE A 124 26.83 7.34 -27.27
N SER A 125 26.12 7.72 -28.33
CA SER A 125 25.83 6.77 -29.39
C SER A 125 27.09 6.45 -30.17
N SER A 126 27.21 5.19 -30.58
CA SER A 126 28.33 4.73 -31.38
C SER A 126 28.10 4.93 -32.88
N GLN A 127 26.92 5.38 -33.29
CA GLN A 127 26.57 5.46 -34.69
C GLN A 127 26.35 6.91 -35.10
N PRO A 128 26.70 7.26 -36.33
CA PRO A 128 26.53 8.65 -36.78
C PRO A 128 25.08 9.04 -37.01
N GLU A 129 24.86 10.35 -36.92
CA GLU A 129 23.61 10.95 -37.33
C GLU A 129 23.47 10.84 -38.85
N ARG A 130 23.44 9.61 -39.38
CA ARG A 130 23.40 9.33 -40.81
C ARG A 130 22.08 8.61 -41.13
N ARG A 131 21.09 8.90 -40.29
CA ARG A 131 19.79 8.24 -40.35
C ARG A 131 18.74 9.26 -40.73
N PHE A 132 18.65 9.49 -42.05
CA PHE A 132 17.56 10.26 -42.62
C PHE A 132 17.15 9.73 -44.00
N ARG A 133 17.38 8.45 -44.27
CA ARG A 133 17.08 7.82 -45.53
C ARG A 133 15.57 7.70 -45.66
N THR A 134 15.08 7.40 -46.85
CA THR A 134 13.63 7.30 -46.99
C THR A 134 13.13 6.06 -46.26
N ILE A 135 12.18 6.30 -45.36
CA ILE A 135 11.67 5.31 -44.40
C ILE A 135 11.15 4.08 -45.14
N PRO A 136 11.56 2.86 -44.76
CA PRO A 136 11.11 1.66 -45.47
C PRO A 136 9.60 1.51 -45.59
N ARG A 137 8.84 1.96 -44.59
CA ARG A 137 7.39 1.96 -44.67
C ARG A 137 6.93 3.39 -44.38
N PRO A 138 6.15 4.02 -45.24
CA PRO A 138 5.60 5.33 -44.88
C PRO A 138 4.85 5.26 -43.56
N LEU A 139 5.14 6.24 -42.70
CA LEU A 139 4.49 6.35 -41.40
C LEU A 139 3.35 7.34 -41.40
N ALA A 140 3.16 8.06 -42.51
CA ALA A 140 2.08 9.01 -42.66
C ALA A 140 1.58 9.03 -44.10
N LYS A 141 0.36 9.52 -44.26
CA LYS A 141 -0.33 9.57 -45.54
C LYS A 141 -0.73 11.01 -45.82
N ASP A 142 -0.45 11.49 -47.02
CA ASP A 142 -0.89 12.82 -47.42
C ASP A 142 -2.37 12.81 -47.85
N PHE A 143 -3.07 13.91 -47.59
CA PHE A 143 -4.45 14.08 -48.03
C PHE A 143 -4.61 15.49 -48.58
N HIS A 144 -4.82 15.65 -49.94
CA HIS A 144 -5.03 16.98 -50.49
C HIS A 144 -6.51 17.24 -50.72
N PRO A 145 -6.96 18.52 -50.64
CA PRO A 145 -8.39 18.83 -50.70
C PRO A 145 -8.93 19.05 -52.11
N ASP A 146 -8.65 18.11 -53.01
CA ASP A 146 -9.03 18.26 -54.41
C ASP A 146 -10.54 18.43 -54.58
N HIS A 147 -11.32 17.69 -53.81
CA HIS A 147 -12.77 17.80 -53.83
C HIS A 147 -13.28 18.50 -52.57
N GLY A 148 -12.54 19.49 -52.09
CA GLY A 148 -12.95 20.24 -50.93
C GLY A 148 -12.70 19.48 -49.64
N TRP A 149 -12.81 20.21 -48.54
CA TRP A 149 -12.43 19.65 -47.25
C TRP A 149 -13.51 18.77 -46.63
N GLU A 150 -14.78 18.94 -47.02
CA GLU A 150 -15.80 18.09 -46.41
C GLU A 150 -15.53 16.62 -46.71
N SER A 151 -15.21 16.26 -47.95
CA SER A 151 -15.01 14.86 -48.25
C SER A 151 -13.54 14.48 -48.29
N LEU A 152 -12.67 15.45 -47.95
CA LEU A 152 -11.31 15.12 -47.53
C LEU A 152 -11.39 14.49 -46.17
N LEU A 153 -11.97 15.23 -45.21
CA LEU A 153 -12.11 14.74 -43.84
C LEU A 153 -13.05 13.57 -43.75
N MET A 154 -13.93 13.41 -44.75
CA MET A 154 -14.80 12.26 -44.68
C MET A 154 -14.10 11.00 -45.12
N ARG A 155 -13.01 11.08 -45.92
CA ARG A 155 -12.13 9.94 -46.15
C ARG A 155 -11.20 9.70 -44.96
N VAL A 156 -10.63 10.77 -44.40
CA VAL A 156 -9.73 10.51 -43.29
C VAL A 156 -10.43 9.73 -42.18
N ILE A 157 -11.61 10.20 -41.75
CA ILE A 157 -12.39 9.52 -40.72
C ILE A 157 -12.81 8.17 -41.25
N SER A 158 -13.04 8.09 -42.57
CA SER A 158 -13.41 6.80 -43.16
C SER A 158 -12.30 5.78 -43.00
N ASP A 159 -11.04 6.16 -43.28
CA ASP A 159 -9.91 5.22 -43.22
C ASP A 159 -9.53 4.76 -41.81
N LEU A 160 -10.05 5.39 -40.77
CA LEU A 160 -9.72 4.96 -39.43
C LEU A 160 -10.13 3.50 -39.26
N PRO A 161 -9.32 2.69 -38.58
CA PRO A 161 -9.68 1.28 -38.38
C PRO A 161 -10.70 1.04 -37.29
N LEU A 162 -11.17 2.10 -36.62
CA LEU A 162 -12.05 1.92 -35.47
C LEU A 162 -13.35 1.25 -35.90
N ARG A 163 -13.76 0.27 -35.11
CA ARG A 163 -14.93 -0.55 -35.41
C ARG A 163 -16.06 -0.16 -34.46
N LEU A 164 -16.52 1.08 -34.56
CA LEU A 164 -17.63 1.58 -33.76
C LEU A 164 -18.38 2.59 -34.61
N HIS A 165 -19.63 2.83 -34.26
CA HIS A 165 -20.42 3.79 -35.01
C HIS A 165 -20.14 5.20 -34.53
N TRP A 166 -20.24 6.15 -35.46
CA TRP A 166 -20.05 7.55 -35.15
C TRP A 166 -21.38 8.15 -34.73
N GLN A 167 -21.35 8.97 -33.69
CA GLN A 167 -22.56 9.64 -33.22
C GLN A 167 -23.17 10.50 -34.31
N ASN A 168 -22.35 11.31 -34.98
CA ASN A 168 -22.82 12.21 -36.03
C ASN A 168 -21.56 12.59 -36.81
N LYS A 169 -21.21 11.77 -37.81
CA LYS A 169 -19.92 11.95 -38.45
C LYS A 169 -19.77 13.32 -39.08
N SER A 170 -20.72 13.73 -39.94
CA SER A 170 -20.53 14.98 -40.69
C SER A 170 -20.69 16.22 -39.80
N ARG A 171 -21.45 16.10 -38.70
CA ARG A 171 -21.48 17.18 -37.71
C ARG A 171 -20.05 17.47 -37.33
N ASP A 172 -19.33 16.44 -36.88
CA ASP A 172 -17.94 16.60 -36.47
C ASP A 172 -17.08 17.17 -37.60
N ILE A 173 -17.34 16.73 -38.84
CA ILE A 173 -16.57 17.25 -39.96
C ILE A 173 -16.76 18.75 -40.09
N HIS A 174 -18.01 19.22 -39.99
CA HIS A 174 -18.29 20.65 -40.11
C HIS A 174 -17.65 21.42 -38.98
N TYR A 175 -17.73 20.91 -37.76
CA TYR A 175 -16.97 21.47 -36.65
C TYR A 175 -15.52 21.71 -37.07
N ILE A 176 -14.88 20.69 -37.64
CA ILE A 176 -13.47 20.78 -37.99
C ILE A 176 -13.26 21.83 -39.08
N ILE A 177 -14.21 21.92 -40.02
CA ILE A 177 -14.10 22.92 -41.08
C ILE A 177 -14.25 24.31 -40.51
N ARG A 178 -15.22 24.50 -39.61
CA ARG A 178 -15.38 25.79 -38.96
C ARG A 178 -14.08 26.24 -38.30
N HIS A 179 -13.45 25.35 -37.54
CA HIS A 179 -12.20 25.69 -36.88
C HIS A 179 -11.11 26.04 -37.90
N LEU A 180 -10.98 25.23 -38.94
CA LEU A 180 -9.94 25.47 -39.93
C LEU A 180 -10.17 26.79 -40.66
N THR A 181 -11.41 27.08 -41.05
CA THR A 181 -11.71 28.33 -41.73
C THR A 181 -11.48 29.53 -40.82
N GLU A 182 -12.04 29.49 -39.62
CA GLU A 182 -11.84 30.59 -38.67
C GLU A 182 -10.36 30.82 -38.38
N THR A 183 -9.51 29.83 -38.64
CA THR A 183 -8.10 29.90 -38.32
C THR A 183 -7.26 30.36 -39.50
N LEU A 184 -7.53 29.83 -40.69
CA LEU A 184 -6.72 30.12 -41.87
C LEU A 184 -7.39 31.08 -42.85
N GLY A 185 -8.70 31.22 -42.82
CA GLY A 185 -9.42 32.00 -43.82
C GLY A 185 -9.60 31.20 -45.09
N PRO A 186 -10.77 31.32 -45.72
CA PRO A 186 -11.11 30.38 -46.81
C PRO A 186 -10.09 30.30 -47.93
N GLU A 187 -9.39 31.37 -48.27
CA GLU A 187 -8.47 31.32 -49.39
C GLU A 187 -7.30 30.41 -49.06
N ASN A 188 -6.58 30.71 -47.98
CA ASN A 188 -5.44 29.90 -47.60
C ASN A 188 -5.83 28.46 -47.27
N LEU A 189 -7.02 28.26 -46.70
CA LEU A 189 -7.45 26.91 -46.32
C LEU A 189 -7.48 26.01 -47.54
N SER A 190 -7.99 26.53 -48.65
CA SER A 190 -8.13 25.69 -49.84
C SER A 190 -6.82 25.43 -50.53
N LYS A 191 -5.79 26.18 -50.19
CA LYS A 191 -4.46 25.91 -50.68
C LYS A 191 -3.71 24.87 -49.84
N SER A 192 -4.04 24.73 -48.56
CA SER A 192 -3.33 23.86 -47.63
C SER A 192 -3.91 22.46 -47.63
N HIS A 193 -3.12 21.53 -47.09
CA HIS A 193 -3.50 20.13 -47.04
C HIS A 193 -3.03 19.50 -45.74
N LEU A 194 -3.38 18.23 -45.55
CA LEU A 194 -3.00 17.46 -44.39
C LEU A 194 -1.96 16.38 -44.71
N GLN A 195 -1.11 16.09 -43.73
CA GLN A 195 -0.33 14.85 -43.68
C GLN A 195 -0.56 14.26 -42.29
N VAL A 196 -1.28 13.15 -42.21
CA VAL A 196 -1.70 12.60 -40.93
C VAL A 196 -1.04 11.24 -40.71
N ALA A 197 -0.53 11.04 -39.48
CA ALA A 197 0.14 9.80 -39.13
C ALA A 197 -0.80 8.62 -39.25
N ASN A 198 -0.24 7.48 -39.66
CA ASN A 198 -1.10 6.35 -39.97
C ASN A 198 -1.59 5.62 -38.74
N GLU A 199 -0.88 5.74 -37.63
CA GLU A 199 -1.28 5.13 -36.38
C GLU A 199 -1.93 6.14 -35.45
N LEU A 200 -2.96 5.70 -34.74
CA LEU A 200 -3.58 6.51 -33.71
C LEU A 200 -2.76 6.45 -32.42
N PHE A 201 -2.79 7.56 -31.70
CA PHE A 201 -2.10 7.70 -30.42
C PHE A 201 -3.14 7.53 -29.32
N TYR A 202 -3.11 6.41 -28.61
CA TYR A 202 -4.12 6.12 -27.59
C TYR A 202 -3.67 6.53 -26.20
N ARG A 203 -4.60 7.11 -25.44
CA ARG A 203 -4.37 7.40 -24.04
C ARG A 203 -5.69 7.40 -23.31
N ASN A 204 -5.76 6.59 -22.25
CA ASN A 204 -6.98 6.45 -21.44
C ASN A 204 -8.22 6.32 -22.30
N LYS A 205 -9.13 7.29 -22.26
CA LYS A 205 -10.39 7.11 -22.95
C LYS A 205 -10.41 7.78 -24.33
N ALA A 206 -9.25 8.09 -24.89
CA ALA A 206 -9.19 8.85 -26.13
C ALA A 206 -8.31 8.13 -27.14
N ALA A 207 -8.66 8.30 -28.41
CA ALA A 207 -7.86 7.83 -29.54
C ALA A 207 -7.53 9.05 -30.37
N TRP A 208 -6.28 9.45 -30.38
CA TRP A 208 -5.87 10.69 -31.03
C TRP A 208 -5.39 10.42 -32.45
N LEU A 209 -5.99 11.09 -33.43
CA LEU A 209 -5.39 11.24 -34.74
C LEU A 209 -4.41 12.40 -34.71
N VAL A 210 -3.20 12.19 -35.20
CA VAL A 210 -2.14 13.20 -35.14
C VAL A 210 -1.64 13.46 -36.54
N GLY A 211 -1.74 14.71 -36.99
CA GLY A 211 -1.37 15.07 -38.33
C GLY A 211 -0.61 16.38 -38.36
N LYS A 212 -0.12 16.71 -39.56
CA LYS A 212 0.46 18.01 -39.86
C LYS A 212 -0.45 18.73 -40.84
N LEU A 213 -0.81 19.98 -40.52
CA LEU A 213 -1.62 20.81 -41.40
C LEU A 213 -0.66 21.78 -42.09
N ILE A 214 -0.32 21.48 -43.34
CA ILE A 214 0.67 22.23 -44.08
C ILE A 214 -0.03 23.36 -44.83
N THR A 215 0.33 24.61 -44.51
CA THR A 215 -0.31 25.78 -45.08
C THR A 215 0.66 26.60 -45.91
N PRO A 216 0.16 27.61 -46.64
CA PRO A 216 1.09 28.54 -47.32
C PRO A 216 2.14 29.12 -46.40
N SER A 217 1.74 29.62 -45.22
CA SER A 217 2.64 30.31 -44.30
C SER A 217 3.56 29.36 -43.54
N GLY A 218 3.26 28.07 -43.54
CA GLY A 218 4.05 27.10 -42.82
C GLY A 218 3.15 25.94 -42.46
N THR A 219 3.69 25.05 -41.64
CA THR A 219 3.01 23.82 -41.26
C THR A 219 2.73 23.84 -39.76
N LEU A 220 1.58 23.32 -39.37
CA LEU A 220 1.08 23.40 -38.02
C LEU A 220 0.65 22.04 -37.50
N PRO A 221 0.53 21.88 -36.19
CA PRO A 221 -0.07 20.65 -35.65
C PRO A 221 -1.52 20.50 -36.10
N PHE A 222 -1.97 19.25 -36.18
CA PHE A 222 -3.37 18.94 -36.48
C PHE A 222 -3.76 17.75 -35.61
N LEU A 223 -4.38 18.02 -34.47
CA LEU A 223 -4.73 16.98 -33.51
C LEU A 223 -6.24 16.90 -33.38
N LEU A 224 -6.79 15.71 -33.60
CA LEU A 224 -8.20 15.44 -33.36
C LEU A 224 -8.33 14.35 -32.32
N PRO A 225 -8.77 14.65 -31.10
CA PRO A 225 -9.01 13.57 -30.12
C PRO A 225 -10.36 12.92 -30.35
N ILE A 226 -10.36 11.60 -30.47
CA ILE A 226 -11.58 10.83 -30.69
C ILE A 226 -12.01 10.22 -29.36
N HIS A 227 -13.23 10.51 -28.96
CA HIS A 227 -13.80 10.00 -27.72
C HIS A 227 -15.00 9.10 -27.99
N GLN A 228 -15.59 8.60 -26.91
CA GLN A 228 -16.73 7.69 -26.97
C GLN A 228 -17.86 8.19 -26.09
N THR A 229 -19.06 8.17 -26.64
CA THR A 229 -20.25 8.34 -25.84
C THR A 229 -20.35 7.26 -24.77
N ASP A 230 -21.11 7.58 -23.72
CA ASP A 230 -21.49 6.55 -22.74
C ASP A 230 -22.09 5.35 -23.44
N ASP A 231 -22.65 5.53 -24.64
CA ASP A 231 -23.31 4.43 -25.33
C ASP A 231 -22.33 3.60 -26.12
N GLY A 232 -21.35 4.26 -26.72
CA GLY A 232 -20.33 3.56 -27.47
C GLY A 232 -20.24 4.08 -28.89
N GLU A 233 -20.49 5.37 -29.06
CA GLU A 233 -20.44 6.01 -30.35
C GLU A 233 -19.28 6.99 -30.38
N LEU A 234 -18.66 7.12 -31.55
CA LEU A 234 -17.44 7.91 -31.67
C LEU A 234 -17.78 9.35 -32.00
N PHE A 235 -17.00 10.27 -31.44
CA PHE A 235 -17.04 11.66 -31.89
C PHE A 235 -15.68 12.30 -31.71
N ILE A 236 -15.45 13.35 -32.49
CA ILE A 236 -14.23 14.15 -32.41
C ILE A 236 -14.53 15.34 -31.51
N ASP A 237 -13.84 15.42 -30.38
CA ASP A 237 -14.17 16.41 -29.38
C ASP A 237 -13.66 17.80 -29.71
N THR A 238 -12.68 17.93 -30.59
CA THR A 238 -12.15 19.25 -30.93
C THR A 238 -11.10 19.14 -32.03
N CYS A 239 -10.42 20.25 -32.30
CA CYS A 239 -9.36 20.29 -33.29
C CYS A 239 -8.36 21.32 -32.83
N LEU A 240 -7.10 20.91 -32.64
CA LEU A 240 -6.05 21.77 -32.15
C LEU A 240 -5.04 22.00 -33.25
N THR A 241 -4.67 23.26 -33.48
CA THR A 241 -3.77 23.64 -34.57
C THR A 241 -2.66 24.57 -34.10
N THR A 242 -2.48 24.69 -32.80
CA THR A 242 -1.40 25.48 -32.23
C THR A 242 -0.29 24.55 -31.72
N THR A 243 0.95 25.03 -31.82
CA THR A 243 2.06 24.30 -31.22
C THR A 243 1.90 24.23 -29.71
N ALA A 244 1.36 25.29 -29.09
CA ALA A 244 1.19 25.32 -27.65
C ALA A 244 0.22 24.23 -27.18
N GLU A 245 -0.91 24.09 -27.85
CA GLU A 245 -1.86 23.04 -27.49
C GLU A 245 -1.23 21.66 -27.69
N ALA A 246 -0.48 21.48 -28.79
CA ALA A 246 0.18 20.21 -29.04
C ALA A 246 1.23 19.89 -27.98
N SER A 247 2.03 20.89 -27.59
CA SER A 247 3.03 20.71 -26.54
C SER A 247 2.39 20.19 -25.26
N ILE A 248 1.18 20.66 -24.96
CA ILE A 248 0.50 20.23 -23.75
C ILE A 248 -0.03 18.81 -23.90
N VAL A 249 -0.57 18.49 -25.09
CA VAL A 249 -1.08 17.14 -25.32
C VAL A 249 0.03 16.12 -25.16
N PHE A 250 1.21 16.40 -25.71
CA PHE A 250 2.41 15.58 -25.53
C PHE A 250 3.22 16.02 -24.31
N GLY A 251 2.56 16.47 -23.24
CA GLY A 251 3.26 17.08 -22.13
C GLY A 251 3.84 16.09 -21.13
N PHE A 252 4.89 16.55 -20.43
CA PHE A 252 5.61 15.72 -19.47
C PHE A 252 4.74 15.29 -18.30
N ALA A 253 3.61 15.92 -18.08
CA ALA A 253 2.75 15.56 -16.96
C ALA A 253 1.64 14.61 -17.38
N ARG A 254 1.65 14.14 -18.63
CA ARG A 254 0.66 13.17 -19.08
C ARG A 254 1.25 11.79 -19.21
N SER A 255 0.38 10.79 -19.14
CA SER A 255 0.76 9.42 -19.45
C SER A 255 1.30 9.34 -20.87
N TYR A 256 2.24 8.44 -21.09
CA TYR A 256 2.77 8.22 -22.42
C TYR A 256 1.66 7.78 -23.35
N PHE A 257 1.84 8.05 -24.63
CA PHE A 257 0.94 7.55 -25.65
C PHE A 257 1.23 6.08 -25.93
N MET A 258 0.19 5.38 -26.35
CA MET A 258 0.31 4.02 -26.89
C MET A 258 0.12 4.16 -28.39
N VAL A 259 1.23 4.12 -29.14
CA VAL A 259 1.22 4.33 -30.59
C VAL A 259 2.16 3.30 -31.19
N TYR A 260 1.61 2.41 -32.03
CA TYR A 260 2.33 1.33 -32.67
C TYR A 260 3.42 1.92 -33.55
N ALA A 261 4.68 1.74 -33.14
CA ALA A 261 5.80 2.39 -33.83
C ALA A 261 6.93 1.39 -34.01
N PRO A 262 6.95 0.68 -35.14
CA PRO A 262 8.08 -0.24 -35.39
C PRO A 262 9.41 0.47 -35.53
N LEU A 263 9.44 1.72 -36.00
CA LEU A 263 10.65 2.53 -36.04
C LEU A 263 10.44 3.80 -35.23
N PRO A 264 10.64 3.74 -33.92
CA PRO A 264 10.36 4.93 -33.09
C PRO A 264 11.19 6.16 -33.47
N ALA A 265 12.45 5.97 -33.86
CA ALA A 265 13.28 7.12 -34.22
C ALA A 265 12.68 7.88 -35.39
N ALA A 266 12.06 7.17 -36.33
CA ALA A 266 11.39 7.84 -37.45
C ALA A 266 10.17 8.61 -36.95
N LEU A 267 9.35 7.98 -36.12
CA LEU A 267 8.19 8.69 -35.57
C LEU A 267 8.64 9.89 -34.76
N VAL A 268 9.70 9.72 -33.97
CA VAL A 268 10.26 10.84 -33.22
C VAL A 268 10.65 11.98 -34.17
N GLU A 269 11.34 11.65 -35.25
CA GLU A 269 11.74 12.70 -36.20
C GLU A 269 10.54 13.41 -36.79
N TRP A 270 9.55 12.64 -37.25
CA TRP A 270 8.34 13.22 -37.84
C TRP A 270 7.65 14.16 -36.86
N LEU A 271 7.69 13.84 -35.56
CA LEU A 271 6.97 14.65 -34.58
C LEU A 271 7.66 15.98 -34.30
N ARG A 272 8.96 16.08 -34.57
CA ARG A 272 9.69 17.31 -34.25
C ARG A 272 9.01 18.52 -34.85
N GLU A 273 8.50 18.37 -36.07
CA GLU A 273 7.92 19.53 -36.76
C GLU A 273 6.79 20.14 -35.95
N ILE A 274 5.85 19.32 -35.48
CA ILE A 274 4.74 19.84 -34.67
C ILE A 274 5.03 19.94 -33.17
N LEU A 275 6.20 19.51 -32.71
CA LEU A 275 6.59 19.60 -31.30
C LEU A 275 7.95 20.23 -31.21
N PRO A 276 8.14 21.41 -31.82
CA PRO A 276 9.50 21.99 -31.87
C PRO A 276 10.10 22.31 -30.51
N GLY A 277 9.31 22.32 -29.45
CA GLY A 277 9.87 22.63 -28.16
C GLY A 277 10.48 21.46 -27.43
N LYS A 278 10.19 20.23 -27.87
CA LYS A 278 10.56 19.05 -27.12
C LYS A 278 11.98 18.61 -27.45
N THR A 279 12.73 18.24 -26.41
CA THR A 279 13.99 17.54 -26.61
C THR A 279 13.72 16.16 -27.19
N THR A 280 14.79 15.55 -27.71
CA THR A 280 14.67 14.18 -28.20
C THR A 280 14.19 13.24 -27.09
N ALA A 281 14.72 13.40 -25.88
CA ALA A 281 14.26 12.57 -24.77
C ALA A 281 12.77 12.72 -24.55
N GLU A 282 12.28 13.95 -24.58
CA GLU A 282 10.86 14.17 -24.30
C GLU A 282 10.00 13.53 -25.37
N LEU A 283 10.44 13.55 -26.62
CA LEU A 283 9.68 12.94 -27.69
C LEU A 283 9.63 11.43 -27.52
N TYR A 284 10.76 10.81 -27.19
CA TYR A 284 10.80 9.37 -26.96
C TYR A 284 9.90 8.98 -25.80
N MET A 285 9.92 9.77 -24.72
CA MET A 285 9.08 9.46 -23.59
C MET A 285 7.60 9.66 -23.90
N ALA A 286 7.28 10.55 -24.86
CA ALA A 286 5.88 10.82 -25.19
C ALA A 286 5.26 9.64 -25.94
N ILE A 287 6.06 8.89 -26.69
CA ILE A 287 5.56 7.71 -27.38
C ILE A 287 5.88 6.43 -26.59
N GLY A 288 6.32 6.56 -25.34
CA GLY A 288 6.39 5.42 -24.45
C GLY A 288 7.75 4.78 -24.31
N CYS A 289 8.77 5.28 -25.02
CA CYS A 289 10.13 4.77 -24.91
C CYS A 289 10.82 5.49 -23.74
N GLN A 290 10.36 5.13 -22.55
CA GLN A 290 10.76 5.80 -21.32
C GLN A 290 12.22 5.52 -20.99
N LYS A 291 12.63 4.25 -21.06
CA LYS A 291 14.00 3.89 -20.70
C LYS A 291 14.99 4.48 -21.69
N HIS A 292 14.66 4.47 -22.98
CA HIS A 292 15.58 5.11 -23.91
C HIS A 292 15.62 6.62 -23.69
N ALA A 293 14.48 7.21 -23.31
CA ALA A 293 14.46 8.62 -22.95
C ALA A 293 15.40 8.90 -21.81
N LYS A 294 15.53 7.97 -20.88
CA LYS A 294 16.52 8.13 -19.82
C LYS A 294 17.92 8.23 -20.41
N THR A 295 18.25 7.33 -21.33
CA THR A 295 19.54 7.38 -22.01
C THR A 295 19.75 8.76 -22.65
N GLU A 296 18.75 9.22 -23.40
CA GLU A 296 18.87 10.49 -24.11
C GLU A 296 18.94 11.66 -23.14
N SER A 297 18.32 11.53 -21.96
CA SER A 297 18.34 12.64 -21.03
C SER A 297 19.69 12.79 -20.34
N TYR A 298 20.36 11.69 -20.07
CA TYR A 298 21.70 11.80 -19.51
C TYR A 298 22.64 12.44 -20.50
N ARG A 299 22.42 12.18 -21.79
CA ARG A 299 23.20 12.84 -22.84
C ARG A 299 22.88 14.33 -22.88
N GLU A 300 21.59 14.68 -22.86
CA GLU A 300 21.19 16.08 -22.79
C GLU A 300 21.78 16.77 -21.57
N TYR A 301 21.84 16.06 -20.43
CA TYR A 301 22.43 16.65 -19.23
C TYR A 301 23.90 16.91 -19.45
N LEU A 302 24.61 15.95 -20.04
CA LEU A 302 26.03 16.12 -20.29
C LEU A 302 26.30 17.29 -21.22
N VAL A 303 25.53 17.37 -22.32
CA VAL A 303 25.70 18.51 -23.23
C VAL A 303 25.57 19.82 -22.48
N TYR A 304 24.47 19.98 -21.75
CA TYR A 304 24.23 21.24 -21.05
C TYR A 304 25.32 21.51 -20.02
N LEU A 305 25.63 20.51 -19.19
CA LEU A 305 26.60 20.71 -18.11
C LEU A 305 27.93 21.23 -18.63
N GLN A 306 28.42 20.67 -19.74
CA GLN A 306 29.75 21.02 -20.20
C GLN A 306 29.79 22.43 -20.80
N GLY A 307 28.66 22.92 -21.30
CA GLY A 307 28.61 24.23 -21.92
C GLY A 307 28.15 25.33 -20.99
N CYS A 308 27.57 24.94 -19.86
CA CYS A 308 27.25 25.91 -18.81
C CYS A 308 28.49 26.18 -17.96
N ASN A 309 28.55 27.38 -17.42
CA ASN A 309 29.62 27.75 -16.50
C ASN A 309 29.00 28.13 -15.18
N GLU A 310 28.05 27.31 -14.73
CA GLU A 310 27.34 27.51 -13.47
C GLU A 310 27.51 26.27 -12.62
N GLN A 311 27.28 26.42 -11.32
CA GLN A 311 27.38 25.32 -10.37
C GLN A 311 25.99 24.87 -9.93
N PHE A 312 25.91 23.63 -9.46
CA PHE A 312 24.67 23.12 -8.88
C PHE A 312 24.29 23.95 -7.65
N ILE A 313 23.02 24.30 -7.54
CA ILE A 313 22.49 25.04 -6.40
C ILE A 313 21.21 24.37 -5.94
N GLU A 314 20.89 24.53 -4.66
CA GLU A 314 19.59 24.12 -4.17
C GLU A 314 18.51 24.82 -5.00
N ALA A 315 17.44 24.11 -5.31
CA ALA A 315 16.41 24.67 -6.15
C ALA A 315 15.64 25.75 -5.39
N PRO A 316 15.30 26.85 -6.04
CA PRO A 316 14.56 27.92 -5.33
C PRO A 316 13.23 27.41 -4.81
N GLY A 317 12.84 27.93 -3.63
CA GLY A 317 11.53 27.73 -3.05
C GLY A 317 11.62 27.22 -1.62
N ILE A 318 10.51 26.67 -1.15
CA ILE A 318 10.42 26.16 0.22
C ILE A 318 11.16 24.84 0.31
N ARG A 319 12.13 24.77 1.22
CA ARG A 319 12.95 23.58 1.37
C ARG A 319 12.09 22.42 1.82
N GLY A 320 12.26 21.28 1.15
CA GLY A 320 11.51 20.11 1.51
C GLY A 320 11.99 19.54 2.83
N MET A 321 11.08 18.91 3.55
CA MET A 321 11.46 18.23 4.77
C MET A 321 11.64 16.73 4.58
N VAL A 322 11.38 16.20 3.38
CA VAL A 322 11.86 14.84 3.11
C VAL A 322 12.81 14.77 1.92
N MET A 323 12.63 15.64 0.91
CA MET A 323 13.52 15.64 -0.24
C MET A 323 14.48 16.84 -0.21
N LEU A 324 15.70 16.60 -0.71
CA LEU A 324 16.69 17.63 -0.97
C LEU A 324 16.74 17.80 -2.48
N VAL A 325 16.62 19.02 -2.97
CA VAL A 325 16.35 19.27 -4.38
C VAL A 325 17.32 20.33 -4.89
N PHE A 326 18.09 19.98 -5.92
CA PHE A 326 19.03 20.91 -6.52
C PHE A 326 18.89 20.88 -8.03
N THR A 327 19.61 21.79 -8.68
CA THR A 327 19.46 22.07 -10.10
C THR A 327 20.67 22.86 -10.55
N LEU A 328 20.71 23.18 -11.84
CA LEU A 328 21.65 24.13 -12.39
C LEU A 328 20.89 25.38 -12.81
N PRO A 329 21.41 26.57 -12.54
CA PRO A 329 20.62 27.79 -12.81
C PRO A 329 19.83 27.81 -14.11
N GLY A 330 20.45 27.44 -15.23
CA GLY A 330 19.77 27.48 -16.51
C GLY A 330 19.21 26.16 -17.02
N PHE A 331 19.18 25.12 -16.19
CA PHE A 331 18.79 23.79 -16.61
C PHE A 331 17.30 23.59 -16.39
N ASP A 332 16.69 22.75 -17.23
CA ASP A 332 15.24 22.55 -17.22
C ASP A 332 14.81 21.37 -16.38
N ARG A 333 15.68 20.89 -15.49
CA ARG A 333 15.39 19.72 -14.69
C ARG A 333 15.88 19.95 -13.27
N VAL A 334 15.26 19.24 -12.34
CA VAL A 334 15.71 19.27 -10.96
C VAL A 334 16.15 17.86 -10.58
N PHE A 335 17.01 17.79 -9.57
CA PHE A 335 17.50 16.55 -8.97
C PHE A 335 16.92 16.48 -7.56
N LYS A 336 16.24 15.39 -7.24
CA LYS A 336 15.56 15.24 -5.96
C LYS A 336 16.07 13.98 -5.27
N VAL A 337 16.72 14.16 -4.13
CA VAL A 337 17.26 13.05 -3.36
C VAL A 337 16.57 13.00 -2.02
N ILE A 338 16.25 11.79 -1.59
CA ILE A 338 15.56 11.57 -0.32
C ILE A 338 16.53 11.80 0.83
N LYS A 339 16.09 12.56 1.82
CA LYS A 339 16.96 12.92 2.94
C LYS A 339 17.19 11.72 3.86
N ASP A 340 18.31 11.76 4.59
CA ASP A 340 18.63 10.67 5.50
C ASP A 340 17.62 10.62 6.63
N LYS A 341 17.31 11.77 7.21
CA LYS A 341 16.36 11.88 8.31
C LYS A 341 15.32 12.93 7.94
N PHE A 342 14.05 12.60 8.18
CA PHE A 342 12.95 13.52 7.94
C PHE A 342 12.60 14.23 9.24
N ALA A 343 11.80 15.30 9.11
CA ALA A 343 11.41 16.09 10.29
C ALA A 343 10.93 15.17 11.40
N PRO A 344 11.19 15.51 12.67
CA PRO A 344 10.92 14.55 13.76
C PRO A 344 9.45 14.20 13.92
N GLN A 345 8.54 15.09 13.53
CA GLN A 345 7.12 14.75 13.55
C GLN A 345 6.84 13.59 12.59
N LYS A 346 7.45 13.63 11.41
CA LYS A 346 7.09 12.77 10.28
C LYS A 346 7.66 11.37 10.50
N GLU A 347 6.78 10.40 10.71
CA GLU A 347 7.13 9.00 10.87
C GLU A 347 6.82 8.26 9.56
N MET A 348 7.79 8.21 8.65
CA MET A 348 7.62 7.42 7.44
C MET A 348 9.01 7.04 6.96
N SER A 349 9.07 5.96 6.18
CA SER A 349 10.33 5.45 5.68
C SER A 349 10.69 6.06 4.33
N ALA A 350 12.00 6.19 4.07
CA ALA A 350 12.44 6.50 2.73
C ALA A 350 11.83 5.54 1.72
N ALA A 351 11.66 4.28 2.11
CA ALA A 351 11.08 3.31 1.19
C ALA A 351 9.64 3.68 0.84
N HIS A 352 8.90 4.25 1.79
CA HIS A 352 7.57 4.72 1.48
C HIS A 352 7.62 5.80 0.40
N VAL A 353 8.53 6.74 0.54
CA VAL A 353 8.69 7.80 -0.45
C VAL A 353 8.96 7.21 -1.81
N ARG A 354 9.94 6.31 -1.90
CA ARG A 354 10.24 5.65 -3.16
C ARG A 354 9.01 4.94 -3.70
N ALA A 355 8.23 4.31 -2.82
CA ALA A 355 7.03 3.61 -3.26
C ALA A 355 6.01 4.57 -3.83
N CYS A 356 5.92 5.78 -3.27
CA CYS A 356 4.97 6.77 -3.77
C CYS A 356 5.41 7.28 -5.13
N TYR A 357 6.72 7.41 -5.35
CA TYR A 357 7.24 7.81 -6.67
C TYR A 357 6.92 6.75 -7.71
N GLN A 358 7.02 5.47 -7.34
CA GLN A 358 6.66 4.41 -8.29
C GLN A 358 5.15 4.38 -8.52
N LEU A 359 4.35 4.62 -7.47
CA LEU A 359 2.91 4.74 -7.65
C LEU A 359 2.58 5.78 -8.71
N VAL A 360 3.15 6.97 -8.57
CA VAL A 360 2.89 8.02 -9.55
C VAL A 360 3.36 7.57 -10.93
N LYS A 361 4.52 6.93 -10.99
CA LYS A 361 5.12 6.60 -12.29
C LYS A 361 4.20 5.71 -13.14
N GLU A 362 3.53 4.74 -12.53
CA GLU A 362 2.69 3.83 -13.29
C GLU A 362 1.22 4.16 -13.16
N HIS A 363 0.89 5.35 -12.70
CA HIS A 363 -0.49 5.82 -12.62
C HIS A 363 -0.83 6.65 -13.85
N ASP A 364 -2.12 6.75 -14.14
CA ASP A 364 -2.57 7.76 -15.08
C ASP A 364 -2.29 9.13 -14.45
N ARG A 365 -1.30 9.85 -14.95
CA ARG A 365 -0.88 11.10 -14.32
C ARG A 365 -1.80 12.27 -14.71
N VAL A 366 -2.66 12.06 -15.71
CA VAL A 366 -3.84 12.90 -15.91
C VAL A 366 -3.44 14.37 -16.06
N GLY A 367 -2.23 14.59 -16.58
CA GLY A 367 -1.76 15.94 -16.84
C GLY A 367 -1.41 16.73 -15.62
N ARG A 368 -1.36 16.10 -14.45
CA ARG A 368 -1.19 16.81 -13.20
C ARG A 368 -0.05 16.31 -12.32
N MET A 369 0.74 15.35 -12.77
CA MET A 369 1.89 14.89 -11.99
C MET A 369 3.07 14.68 -12.92
N ALA A 370 4.22 15.20 -12.52
CA ALA A 370 5.38 15.19 -13.41
C ALA A 370 5.96 13.78 -13.48
N ASP A 371 6.43 13.42 -14.68
CA ASP A 371 7.20 12.20 -14.82
C ASP A 371 8.53 12.35 -14.11
N THR A 372 8.99 11.27 -13.49
CA THR A 372 10.29 11.27 -12.84
C THR A 372 11.14 10.17 -13.46
N GLN A 373 12.47 10.35 -13.40
CA GLN A 373 13.42 9.33 -13.84
C GLN A 373 14.37 9.02 -12.69
N GLU A 374 14.32 7.79 -12.21
CA GLU A 374 15.14 7.37 -11.08
C GLU A 374 16.53 7.03 -11.57
N PHE A 375 17.54 7.58 -10.90
CA PHE A 375 18.93 7.31 -11.20
C PHE A 375 19.57 6.74 -9.94
N GLU A 376 20.46 5.77 -10.11
CA GLU A 376 21.25 5.26 -9.00
C GLU A 376 22.71 5.54 -9.25
N ASN A 377 23.42 5.91 -8.18
CA ASN A 377 24.83 6.27 -8.25
C ASN A 377 25.10 7.23 -9.40
N PHE A 378 24.46 8.39 -9.26
CA PHE A 378 24.68 9.51 -10.13
C PHE A 378 25.94 10.22 -9.70
N VAL A 379 26.83 10.49 -10.66
CA VAL A 379 28.17 10.98 -10.35
C VAL A 379 28.26 12.46 -10.67
N LEU A 380 28.78 13.22 -9.72
CA LEU A 380 29.01 14.65 -9.88
C LEU A 380 30.46 15.01 -9.59
N GLU A 381 30.99 15.98 -10.33
CA GLU A 381 32.30 16.55 -10.00
C GLU A 381 32.17 17.49 -8.83
N LYS A 382 33.01 17.31 -7.81
CA LYS A 382 33.00 18.24 -6.68
C LYS A 382 33.10 19.68 -7.15
N ARG A 383 33.91 19.94 -8.17
CA ARG A 383 34.11 21.30 -8.64
C ARG A 383 32.84 21.92 -9.20
N HIS A 384 31.85 21.10 -9.55
CA HIS A 384 30.59 21.61 -10.10
C HIS A 384 29.55 21.96 -9.03
N ILE A 385 29.82 21.69 -7.76
CA ILE A 385 28.84 21.82 -6.70
C ILE A 385 29.16 23.06 -5.87
N SER A 386 28.27 24.04 -5.93
CA SER A 386 28.22 25.13 -4.98
C SER A 386 28.67 24.67 -3.59
N PRO A 387 29.53 25.45 -2.92
CA PRO A 387 29.83 25.16 -1.50
C PRO A 387 28.58 25.14 -0.64
N ALA A 388 27.59 26.00 -0.92
CA ALA A 388 26.35 25.95 -0.17
C ALA A 388 25.65 24.60 -0.33
N LEU A 389 25.52 24.15 -1.58
CA LEU A 389 24.85 22.88 -1.84
C LEU A 389 25.64 21.72 -1.27
N MET A 390 26.97 21.75 -1.42
CA MET A 390 27.78 20.65 -0.91
C MET A 390 27.64 20.51 0.60
N GLU A 391 27.61 21.62 1.32
CA GLU A 391 27.36 21.54 2.75
C GLU A 391 25.99 20.92 3.02
N LEU A 392 24.98 21.34 2.27
CA LEU A 392 23.65 20.78 2.43
C LEU A 392 23.64 19.27 2.18
N LEU A 393 24.29 18.85 1.10
CA LEU A 393 24.30 17.43 0.74
C LEU A 393 24.90 16.56 1.84
N LEU A 394 25.99 17.02 2.46
CA LEU A 394 26.66 16.23 3.48
C LEU A 394 25.97 16.32 4.82
N GLN A 395 25.21 17.38 5.09
CA GLN A 395 24.38 17.40 6.29
C GLN A 395 23.22 16.42 6.16
N GLU A 396 22.50 16.48 5.03
CA GLU A 396 21.18 15.87 4.92
C GLU A 396 21.17 14.55 4.18
N ALA A 397 22.16 14.28 3.32
CA ALA A 397 22.14 13.09 2.48
C ALA A 397 23.48 12.36 2.57
N ALA A 398 24.13 12.43 3.72
CA ALA A 398 25.47 11.86 3.85
C ALA A 398 25.45 10.36 3.61
N GLU A 399 24.48 9.66 4.17
CA GLU A 399 24.40 8.22 3.98
C GLU A 399 24.25 7.83 2.52
N LYS A 400 23.86 8.76 1.65
CA LYS A 400 23.68 8.49 0.23
C LYS A 400 24.82 9.00 -0.63
N ILE A 401 25.89 9.52 -0.03
CA ILE A 401 26.99 10.09 -0.78
C ILE A 401 28.25 9.29 -0.46
N THR A 402 29.03 9.01 -1.49
CA THR A 402 30.36 8.43 -1.31
C THR A 402 31.36 9.27 -2.06
N ASP A 403 32.53 9.46 -1.46
CA ASP A 403 33.58 10.29 -2.04
C ASP A 403 34.40 9.48 -3.03
N LEU A 404 34.73 10.12 -4.15
CA LEU A 404 35.62 9.52 -5.14
C LEU A 404 36.68 10.53 -5.55
N GLY A 405 37.37 11.07 -4.56
CA GLY A 405 38.39 12.07 -4.80
C GLY A 405 37.79 13.36 -5.34
N GLU A 406 37.87 13.56 -6.64
CA GLU A 406 37.38 14.77 -7.27
C GLU A 406 35.91 14.67 -7.65
N GLN A 407 35.25 13.57 -7.27
CA GLN A 407 33.86 13.35 -7.62
C GLN A 407 33.11 12.81 -6.41
N ILE A 408 31.78 12.93 -6.44
CA ILE A 408 30.96 12.21 -5.49
C ILE A 408 29.94 11.37 -6.26
N VAL A 409 29.37 10.39 -5.56
CA VAL A 409 28.36 9.49 -6.10
C VAL A 409 27.16 9.57 -5.18
N ILE A 410 26.00 9.93 -5.74
CA ILE A 410 24.73 9.91 -5.01
C ILE A 410 24.06 8.59 -5.30
N ARG A 411 23.74 7.83 -4.24
CA ARG A 411 23.22 6.48 -4.42
C ARG A 411 21.90 6.49 -5.17
N HIS A 412 21.05 7.48 -4.92
CA HIS A 412 19.68 7.43 -5.41
C HIS A 412 19.12 8.83 -5.49
N LEU A 413 18.54 9.16 -6.64
CA LEU A 413 17.88 10.44 -6.82
C LEU A 413 16.86 10.29 -7.94
N TYR A 414 16.00 11.30 -8.06
CA TYR A 414 15.07 11.41 -9.17
C TYR A 414 15.38 12.66 -9.96
N ILE A 415 15.25 12.57 -11.27
CA ILE A 415 15.32 13.74 -12.15
C ILE A 415 13.91 14.04 -12.63
N GLU A 416 13.50 15.30 -12.52
CA GLU A 416 12.14 15.74 -12.79
C GLU A 416 12.22 17.03 -13.59
N ARG A 417 11.25 17.23 -14.47
CA ARG A 417 11.18 18.49 -15.20
C ARG A 417 11.06 19.65 -14.23
N ARG A 418 11.80 20.73 -14.49
CA ARG A 418 11.81 21.86 -13.57
C ARG A 418 10.65 22.80 -13.88
N MET A 419 10.02 23.30 -12.82
CA MET A 419 8.92 24.23 -12.95
C MET A 419 9.13 25.37 -11.95
N VAL A 420 8.29 26.38 -12.03
CA VAL A 420 8.26 27.44 -11.02
C VAL A 420 7.32 26.99 -9.91
N PRO A 421 7.82 26.77 -8.69
CA PRO A 421 6.91 26.44 -7.58
C PRO A 421 5.79 27.47 -7.50
N LEU A 422 4.56 26.97 -7.33
CA LEU A 422 3.40 27.85 -7.38
C LEU A 422 3.43 28.89 -6.29
N ASN A 423 4.01 28.59 -5.14
CA ASN A 423 4.05 29.60 -4.09
C ASN A 423 4.90 30.78 -4.51
N ILE A 424 5.87 30.58 -5.40
CA ILE A 424 6.59 31.71 -5.97
C ILE A 424 5.75 32.37 -7.06
N TRP A 425 5.20 31.57 -7.96
CA TRP A 425 4.41 32.09 -9.08
C TRP A 425 3.31 33.02 -8.60
N LEU A 426 2.60 32.67 -7.53
CA LEU A 426 1.49 33.50 -7.10
C LEU A 426 1.96 34.85 -6.56
N GLU A 427 3.21 34.96 -6.14
CA GLU A 427 3.76 36.25 -5.75
C GLU A 427 4.26 37.05 -6.95
N GLN A 428 4.20 36.50 -8.15
CA GLN A 428 4.76 37.15 -9.32
C GLN A 428 3.75 37.68 -10.31
N VAL A 429 2.50 37.23 -10.24
CA VAL A 429 1.54 37.44 -11.31
C VAL A 429 0.26 38.02 -10.72
N GLU A 430 -0.48 38.76 -11.54
CA GLU A 430 -1.56 39.61 -11.06
C GLU A 430 -2.72 39.54 -12.05
N GLY A 431 -3.88 39.98 -11.59
CA GLY A 431 -5.05 40.06 -12.44
C GLY A 431 -5.45 38.75 -13.10
N GLN A 432 -5.27 38.68 -14.41
CA GLN A 432 -5.74 37.53 -15.18
C GLN A 432 -4.78 36.35 -15.05
N GLN A 433 -3.49 36.60 -15.20
CA GLN A 433 -2.50 35.54 -14.96
C GLN A 433 -2.71 34.92 -13.58
N LEU A 434 -3.12 35.74 -12.61
CA LEU A 434 -3.37 35.21 -11.27
C LEU A 434 -4.67 34.43 -11.23
N ARG A 435 -5.71 34.91 -11.93
CA ARG A 435 -6.96 34.15 -12.01
C ARG A 435 -6.71 32.78 -12.65
N ASP A 436 -6.00 32.76 -13.77
CA ASP A 436 -5.77 31.52 -14.48
C ASP A 436 -4.96 30.54 -13.65
N ALA A 437 -4.03 31.05 -12.84
CA ALA A 437 -3.22 30.17 -12.00
C ALA A 437 -4.06 29.51 -10.91
N ILE A 438 -5.00 30.25 -10.31
CA ILE A 438 -5.83 29.69 -9.26
C ILE A 438 -6.89 28.76 -9.85
N GLU A 439 -7.37 29.07 -11.05
CA GLU A 439 -8.24 28.13 -11.76
C GLU A 439 -7.52 26.81 -11.96
N GLU A 440 -6.27 26.86 -12.43
CA GLU A 440 -5.51 25.64 -12.71
C GLU A 440 -5.16 24.90 -11.43
N TYR A 441 -4.81 25.63 -10.37
CA TYR A 441 -4.49 24.98 -9.10
C TYR A 441 -5.67 24.15 -8.62
N GLY A 442 -6.85 24.75 -8.58
CA GLY A 442 -8.04 24.02 -8.14
C GLY A 442 -8.40 22.88 -9.07
N ASN A 443 -8.24 23.11 -10.39
CA ASN A 443 -8.50 22.02 -11.32
C ASN A 443 -7.50 20.90 -11.16
N ALA A 444 -6.25 21.22 -10.78
CA ALA A 444 -5.27 20.17 -10.49
C ALA A 444 -5.76 19.26 -9.38
N ILE A 445 -6.20 19.86 -8.27
CA ILE A 445 -6.77 19.09 -7.15
C ILE A 445 -7.89 18.19 -7.65
N ARG A 446 -8.89 18.80 -8.28
CA ARG A 446 -10.08 18.07 -8.69
C ARG A 446 -9.73 16.89 -9.59
N GLN A 447 -8.91 17.13 -10.62
CA GLN A 447 -8.59 16.07 -11.58
C GLN A 447 -7.80 14.94 -10.93
N LEU A 448 -6.89 15.28 -10.00
CA LEU A 448 -6.17 14.24 -9.29
C LEU A 448 -7.12 13.44 -8.41
N ALA A 449 -8.04 14.14 -7.72
CA ALA A 449 -9.00 13.47 -6.85
C ALA A 449 -9.90 12.53 -7.65
N ALA A 450 -10.41 13.00 -8.79
CA ALA A 450 -11.27 12.15 -9.60
C ALA A 450 -10.52 10.96 -10.18
N ALA A 451 -9.19 11.01 -10.22
CA ALA A 451 -8.35 9.91 -10.67
C ALA A 451 -7.83 9.09 -9.50
N ASN A 452 -8.47 9.20 -8.34
CA ASN A 452 -8.16 8.41 -7.15
C ASN A 452 -6.81 8.76 -6.53
N ILE A 453 -6.27 9.93 -6.82
CA ILE A 453 -5.08 10.43 -6.14
C ILE A 453 -5.52 11.52 -5.18
N PHE A 454 -5.36 11.26 -3.88
CA PHE A 454 -5.52 12.33 -2.90
C PHE A 454 -4.16 12.99 -2.66
N PRO A 455 -4.00 14.28 -2.94
CA PRO A 455 -2.64 14.87 -2.91
C PRO A 455 -2.01 14.93 -1.52
N GLY A 456 -2.79 14.84 -0.46
CA GLY A 456 -2.21 14.89 0.86
C GLY A 456 -1.92 16.30 1.34
N ASP A 457 -0.72 16.79 1.03
CA ASP A 457 -0.25 18.12 1.45
C ASP A 457 -0.43 19.05 0.25
N MET A 458 -1.57 19.74 0.23
CA MET A 458 -2.01 20.44 -0.97
C MET A 458 -1.54 21.89 -1.04
N LEU A 459 -0.62 22.29 -0.17
CA LEU A 459 -0.15 23.68 -0.15
C LEU A 459 0.51 24.05 -1.47
N PHE A 460 0.47 25.35 -1.78
CA PHE A 460 0.93 25.80 -3.08
C PHE A 460 2.37 25.39 -3.33
N LYS A 461 3.18 25.32 -2.27
CA LYS A 461 4.59 25.03 -2.43
C LYS A 461 4.83 23.67 -3.06
N ASN A 462 3.82 22.81 -3.11
CA ASN A 462 3.99 21.46 -3.63
C ASN A 462 3.49 21.31 -5.06
N PHE A 463 3.21 22.41 -5.74
CA PHE A 463 2.80 22.38 -7.14
C PHE A 463 3.79 23.23 -7.93
N GLY A 464 3.92 22.93 -9.21
CA GLY A 464 4.78 23.72 -10.07
C GLY A 464 4.01 24.29 -11.24
N VAL A 465 4.51 25.35 -11.86
CA VAL A 465 3.86 25.99 -13.00
C VAL A 465 4.75 25.80 -14.22
N THR A 466 4.18 25.29 -15.30
CA THR A 466 4.95 24.97 -16.48
C THR A 466 5.12 26.21 -17.37
N ARG A 467 5.88 26.05 -18.44
CA ARG A 467 6.07 27.13 -19.40
C ARG A 467 4.73 27.62 -19.97
N HIS A 468 3.78 26.70 -20.17
CA HIS A 468 2.49 27.05 -20.73
C HIS A 468 1.47 27.42 -19.65
N GLY A 469 1.93 27.75 -18.45
CA GLY A 469 1.05 28.23 -17.39
C GLY A 469 0.32 27.18 -16.60
N ARG A 470 0.61 25.90 -16.80
CA ARG A 470 -0.16 24.83 -16.18
C ARG A 470 0.38 24.49 -14.80
N VAL A 471 -0.52 24.06 -13.91
CA VAL A 471 -0.19 23.73 -12.53
C VAL A 471 -0.08 22.22 -12.40
N VAL A 472 1.03 21.75 -11.82
CA VAL A 472 1.32 20.32 -11.78
C VAL A 472 1.86 19.96 -10.41
N PHE A 473 1.34 18.88 -9.85
CA PHE A 473 1.71 18.41 -8.51
C PHE A 473 3.03 17.66 -8.56
N TYR A 474 3.91 17.92 -7.57
CA TYR A 474 5.16 17.17 -7.53
C TYR A 474 5.61 16.67 -6.16
N ASP A 475 4.86 16.88 -5.08
CA ASP A 475 5.28 16.40 -3.77
C ASP A 475 4.54 15.10 -3.50
N TYR A 476 5.22 13.99 -3.75
CA TYR A 476 4.51 12.71 -3.85
C TYR A 476 4.42 11.91 -2.56
N ASP A 477 5.11 12.30 -1.49
CA ASP A 477 5.22 11.37 -0.38
C ASP A 477 4.01 11.37 0.56
N GLU A 478 3.05 12.27 0.39
CA GLU A 478 1.81 12.20 1.14
C GLU A 478 0.63 11.83 0.27
N ILE A 479 0.88 11.34 -0.94
CA ILE A 479 -0.19 10.83 -1.77
C ILE A 479 -0.77 9.60 -1.08
N CYS A 480 -2.08 9.43 -1.20
CA CYS A 480 -2.74 8.16 -0.98
C CYS A 480 -3.87 8.07 -1.99
N TYR A 481 -4.41 6.87 -2.16
CA TYR A 481 -5.58 6.72 -3.02
C TYR A 481 -6.79 7.37 -2.36
N MET A 482 -7.65 7.97 -3.18
CA MET A 482 -8.88 8.55 -2.66
C MET A 482 -9.65 7.54 -1.83
N THR A 483 -9.67 6.29 -2.27
CA THR A 483 -10.41 5.24 -1.56
C THR A 483 -9.84 4.96 -0.18
N GLU A 484 -8.60 5.35 0.09
CA GLU A 484 -8.00 5.13 1.40
C GLU A 484 -8.34 6.23 2.40
N VAL A 485 -9.03 7.28 1.99
CA VAL A 485 -9.26 8.47 2.81
C VAL A 485 -10.65 8.44 3.41
N ASN A 486 -10.78 8.89 4.66
CA ASN A 486 -12.09 9.05 5.30
C ASN A 486 -12.43 10.53 5.46
N PHE A 487 -13.28 11.05 4.58
CA PHE A 487 -13.62 12.47 4.59
C PHE A 487 -14.69 12.77 5.63
N ARG A 488 -14.43 13.79 6.44
CA ARG A 488 -15.27 14.14 7.59
C ARG A 488 -15.67 15.60 7.49
N ASP A 489 -16.80 15.93 8.12
CA ASP A 489 -17.38 17.27 8.03
C ASP A 489 -16.92 18.23 9.12
N ILE A 490 -17.02 17.86 10.39
CA ILE A 490 -16.69 18.80 11.45
C ILE A 490 -15.18 18.80 11.67
N PRO A 491 -14.49 19.94 11.49
CA PRO A 491 -13.05 19.96 11.80
C PRO A 491 -12.81 19.91 13.30
N PRO A 492 -11.71 19.28 13.72
CA PRO A 492 -11.45 19.16 15.17
C PRO A 492 -11.12 20.49 15.79
N PRO A 493 -11.25 20.63 17.12
CA PRO A 493 -10.82 21.87 17.79
C PRO A 493 -9.31 22.02 17.74
N ARG A 494 -8.86 23.27 17.54
CA ARG A 494 -7.44 23.57 17.40
C ARG A 494 -7.07 24.80 18.21
N PRO A 504 -7.68 16.83 20.75
CA PRO A 504 -7.21 16.29 22.04
C PRO A 504 -8.09 15.15 22.56
N TRP A 505 -9.26 15.49 23.10
CA TRP A 505 -10.31 14.54 23.46
C TRP A 505 -11.22 14.18 22.29
N TYR A 506 -11.09 14.89 21.16
CA TYR A 506 -11.91 14.70 19.97
C TYR A 506 -11.18 13.69 19.11
N SER A 507 -11.89 12.64 18.69
CA SER A 507 -11.23 11.48 18.09
C SER A 507 -10.96 11.79 16.63
N VAL A 508 -9.69 11.68 16.25
CA VAL A 508 -9.27 11.78 14.86
C VAL A 508 -8.34 10.60 14.61
N SER A 509 -8.62 9.81 13.59
CA SER A 509 -7.76 8.68 13.30
C SER A 509 -7.01 8.84 11.99
N PRO A 510 -5.92 8.10 11.82
CA PRO A 510 -5.17 8.15 10.55
C PRO A 510 -6.11 7.99 9.36
N GLY A 511 -5.90 8.82 8.36
CA GLY A 511 -6.70 8.81 7.16
C GLY A 511 -7.89 9.73 7.20
N ASP A 512 -8.10 10.44 8.30
CA ASP A 512 -9.18 11.40 8.40
C ASP A 512 -8.77 12.69 7.71
N VAL A 513 -9.69 13.25 6.91
CA VAL A 513 -9.45 14.50 6.19
C VAL A 513 -10.69 15.37 6.38
N PHE A 514 -10.46 16.64 6.71
CA PHE A 514 -11.54 17.60 6.94
C PHE A 514 -11.42 18.69 5.90
N PRO A 515 -12.07 18.54 4.74
CA PRO A 515 -11.91 19.55 3.67
C PRO A 515 -12.30 20.96 4.09
N GLU A 516 -13.15 21.10 5.11
CA GLU A 516 -13.48 22.42 5.63
C GLU A 516 -12.26 23.09 6.22
N GLU A 517 -11.35 22.31 6.80
CA GLU A 517 -10.11 22.87 7.30
C GLU A 517 -9.27 23.49 6.20
N PHE A 518 -9.42 23.03 4.96
CA PHE A 518 -8.54 23.51 3.89
C PHE A 518 -8.57 25.03 3.76
N ARG A 519 -9.72 25.66 4.01
CA ARG A 519 -9.86 27.07 3.68
C ARG A 519 -8.95 27.93 4.54
N HIS A 520 -8.63 27.48 5.75
CA HIS A 520 -7.67 28.21 6.57
C HIS A 520 -6.37 28.48 5.81
N TRP A 521 -5.77 27.45 5.21
CA TRP A 521 -4.50 27.66 4.52
C TRP A 521 -4.71 28.39 3.20
N LEU A 522 -5.67 27.92 2.42
CA LEU A 522 -5.79 28.26 1.02
C LEU A 522 -6.44 29.62 0.77
N CYS A 523 -7.12 30.19 1.76
CA CYS A 523 -7.78 31.47 1.61
C CYS A 523 -7.25 32.50 2.59
N ALA A 524 -6.06 32.28 3.16
CA ALA A 524 -5.53 33.21 4.14
C ALA A 524 -5.12 34.54 3.51
N ASP A 525 -4.81 34.55 2.21
CA ASP A 525 -4.33 35.74 1.54
C ASP A 525 -5.48 36.36 0.76
N PRO A 526 -5.83 37.63 1.02
CA PRO A 526 -6.98 38.22 0.32
C PRO A 526 -6.81 38.34 -1.19
N ARG A 527 -5.58 38.23 -1.70
CA ARG A 527 -5.40 38.23 -3.14
C ARG A 527 -5.91 36.93 -3.75
N ILE A 528 -5.96 35.87 -2.95
CA ILE A 528 -6.09 34.50 -3.43
C ILE A 528 -7.43 33.89 -3.03
N GLY A 529 -7.75 33.95 -1.74
CA GLY A 529 -8.96 33.37 -1.19
C GLY A 529 -10.20 33.64 -2.02
N PRO A 530 -10.52 34.90 -2.17
CA PRO A 530 -11.70 35.26 -2.99
C PRO A 530 -11.75 34.50 -4.30
N LEU A 531 -10.63 34.44 -5.01
CA LEU A 531 -10.60 33.72 -6.28
C LEU A 531 -10.84 32.23 -6.09
N PHE A 532 -10.26 31.65 -5.04
CA PHE A 532 -10.48 30.23 -4.79
C PHE A 532 -11.94 29.98 -4.43
N GLU A 533 -12.48 30.80 -3.54
CA GLU A 533 -13.88 30.71 -3.19
C GLU A 533 -14.75 30.77 -4.45
N GLU A 534 -14.44 31.71 -5.34
CA GLU A 534 -15.28 31.90 -6.52
C GLU A 534 -15.32 30.64 -7.36
N MET A 535 -14.18 29.97 -7.53
CA MET A 535 -14.09 28.93 -8.53
C MET A 535 -13.99 27.52 -7.98
N HIS A 536 -13.69 27.34 -6.70
CA HIS A 536 -13.39 26.01 -6.19
C HIS A 536 -13.91 25.83 -4.78
N ALA A 537 -15.08 26.41 -4.51
CA ALA A 537 -15.64 26.25 -3.18
C ALA A 537 -16.01 24.80 -2.91
N ASP A 538 -16.37 24.06 -3.96
CA ASP A 538 -16.64 22.63 -3.85
C ASP A 538 -15.56 21.94 -3.04
N LEU A 539 -14.32 22.39 -3.22
CA LEU A 539 -13.17 21.71 -2.62
C LEU A 539 -13.18 21.79 -1.10
N PHE A 540 -14.04 22.60 -0.50
CA PHE A 540 -14.13 22.72 0.95
C PHE A 540 -15.25 21.86 1.53
N ARG A 541 -15.99 21.13 0.71
CA ARG A 541 -17.13 20.34 1.18
C ARG A 541 -16.80 18.85 1.11
N ALA A 542 -16.84 18.18 2.27
CA ALA A 542 -16.62 16.74 2.31
C ALA A 542 -17.55 16.00 1.34
N ASP A 543 -18.77 16.51 1.15
CA ASP A 543 -19.70 15.84 0.25
C ASP A 543 -19.17 15.80 -1.17
N TYR A 544 -18.49 16.87 -1.60
CA TYR A 544 -17.89 16.88 -2.93
C TYR A 544 -16.83 15.77 -3.04
N TRP A 545 -15.95 15.69 -2.05
CA TRP A 545 -14.90 14.67 -2.07
C TRP A 545 -15.50 13.27 -2.04
N ARG A 546 -16.50 13.08 -1.18
CA ARG A 546 -17.17 11.78 -1.10
C ARG A 546 -17.78 11.39 -2.45
N ALA A 547 -18.41 12.34 -3.15
CA ALA A 547 -18.98 12.05 -4.46
C ALA A 547 -17.90 11.48 -5.39
N LEU A 548 -16.74 12.15 -5.46
CA LEU A 548 -15.65 11.63 -6.27
C LEU A 548 -15.25 10.23 -5.80
N GLN A 549 -15.12 10.07 -4.48
CA GLN A 549 -14.80 8.77 -3.92
C GLN A 549 -15.78 7.70 -4.35
N ASN A 550 -17.08 8.02 -4.34
CA ASN A 550 -18.08 7.00 -4.67
C ASN A 550 -18.02 6.62 -6.14
N ARG A 551 -17.94 7.63 -7.03
CA ARG A 551 -17.79 7.34 -8.46
C ARG A 551 -16.61 6.44 -8.72
N ILE A 552 -15.52 6.63 -7.96
CA ILE A 552 -14.35 5.80 -8.13
C ILE A 552 -14.63 4.37 -7.68
N ARG A 553 -15.31 4.22 -6.55
CA ARG A 553 -15.66 2.90 -6.06
C ARG A 553 -16.64 2.21 -7.00
N GLU A 554 -17.53 2.97 -7.63
CA GLU A 554 -18.41 2.41 -8.65
C GLU A 554 -17.71 2.17 -9.98
N GLY A 555 -16.38 2.23 -10.01
CA GLY A 555 -15.64 1.86 -11.21
C GLY A 555 -15.50 2.95 -12.25
N HIS A 556 -16.16 4.09 -12.09
CA HIS A 556 -16.16 5.13 -13.10
C HIS A 556 -14.76 5.73 -13.25
N VAL A 557 -14.41 6.10 -14.48
CA VAL A 557 -13.15 6.75 -14.80
C VAL A 557 -13.46 8.10 -15.44
N GLU A 558 -12.98 9.18 -14.81
CA GLU A 558 -13.36 10.53 -15.22
C GLU A 558 -12.65 10.95 -16.50
N ASP A 559 -13.42 11.50 -17.44
CA ASP A 559 -12.85 12.12 -18.63
C ASP A 559 -11.86 13.23 -18.28
N VAL A 560 -10.81 13.33 -19.09
CA VAL A 560 -9.79 14.37 -18.96
C VAL A 560 -9.51 14.97 -20.33
N TYR A 561 -9.60 16.28 -20.42
CA TYR A 561 -9.39 16.99 -21.68
C TYR A 561 -8.06 17.73 -21.57
N ALA A 562 -7.10 17.36 -22.43
CA ALA A 562 -5.77 17.97 -22.48
C ALA A 562 -5.78 19.28 -23.24
N TYR A 563 -6.80 20.10 -23.03
CA TYR A 563 -6.99 21.38 -23.69
C TYR A 563 -8.08 22.11 -22.93
N ARG A 564 -8.19 23.41 -23.17
CA ARG A 564 -9.19 24.21 -22.49
C ARG A 564 -10.60 23.72 -22.83
N ARG A 565 -11.46 23.72 -21.81
CA ARG A 565 -12.84 23.30 -22.01
C ARG A 565 -13.55 24.17 -23.04
N ARG A 566 -13.17 25.44 -23.14
CA ARG A 566 -13.75 26.35 -24.13
C ARG A 566 -13.63 25.74 -25.53
N GLN A 567 -12.52 25.06 -25.81
CA GLN A 567 -12.21 24.57 -27.16
C GLN A 567 -13.01 23.33 -27.56
N ARG A 568 -13.69 22.68 -26.63
CA ARG A 568 -14.55 21.55 -27.00
C ARG A 568 -15.62 22.02 -28.00
N PHE A 569 -15.82 21.23 -29.05
CA PHE A 569 -16.85 21.57 -30.04
C PHE A 569 -18.20 21.73 -29.37
N SER A 570 -18.57 20.78 -28.51
CA SER A 570 -19.84 20.84 -27.80
C SER A 570 -20.01 22.13 -27.03
N VAL A 571 -18.92 22.87 -26.81
CA VAL A 571 -18.94 24.11 -26.04
C VAL A 571 -18.89 25.33 -26.94
N ARG A 572 -17.81 25.47 -27.73
CA ARG A 572 -17.69 26.65 -28.57
C ARG A 572 -18.60 26.61 -29.78
N TYR A 573 -19.27 25.47 -30.04
CA TYR A 573 -20.19 25.44 -31.17
C TYR A 573 -21.47 24.67 -30.85
N GLY A 574 -21.99 24.76 -29.63
CA GLY A 574 -23.18 24.01 -29.25
C GLY A 574 -24.43 24.85 -29.11
N GLY B 4 -22.08 16.60 45.99
CA GLY B 4 -23.01 16.48 44.89
C GLY B 4 -22.33 16.02 43.62
N LEU B 5 -21.17 16.62 43.35
CA LEU B 5 -20.37 16.23 42.19
C LEU B 5 -20.07 14.74 42.18
N GLU B 6 -19.68 14.19 43.34
CA GLU B 6 -19.28 12.79 43.41
C GLU B 6 -20.30 11.90 42.70
N LEU B 7 -21.59 12.15 42.90
CA LEU B 7 -22.59 11.34 42.23
C LEU B 7 -22.71 11.70 40.76
N LEU B 8 -22.61 12.99 40.44
CA LEU B 8 -22.60 13.39 39.04
C LEU B 8 -21.44 12.73 38.29
N ILE B 9 -20.28 12.63 38.93
CA ILE B 9 -19.13 12.02 38.27
C ILE B 9 -19.42 10.55 38.01
N ALA B 10 -19.83 9.81 39.04
CA ALA B 10 -20.15 8.39 38.87
C ALA B 10 -21.16 8.18 37.76
N GLN B 11 -22.15 9.07 37.66
CA GLN B 11 -23.17 8.93 36.64
C GLN B 11 -22.66 9.33 35.26
N THR B 12 -21.74 10.29 35.19
CA THR B 12 -21.13 10.63 33.91
C THR B 12 -20.32 9.45 33.38
N ILE B 13 -19.48 8.85 34.23
CA ILE B 13 -18.69 7.69 33.83
C ILE B 13 -19.59 6.56 33.36
N LEU B 14 -20.57 6.17 34.17
CA LEU B 14 -21.45 5.07 33.78
C LEU B 14 -22.23 5.42 32.52
N GLN B 15 -22.62 6.69 32.37
CA GLN B 15 -23.30 7.08 31.14
C GLN B 15 -22.37 6.92 29.95
N GLY B 16 -21.09 7.30 30.12
CA GLY B 16 -20.12 7.11 29.07
C GLY B 16 -20.02 5.67 28.64
N PHE B 17 -19.96 4.76 29.61
CA PHE B 17 -19.90 3.36 29.24
C PHE B 17 -21.17 2.89 28.54
N ASP B 18 -22.34 3.32 29.02
CA ASP B 18 -23.58 2.98 28.34
C ASP B 18 -23.47 3.29 26.85
N ALA B 19 -23.02 4.50 26.53
CA ALA B 19 -22.88 4.89 25.13
C ALA B 19 -21.77 4.10 24.45
N GLN B 20 -20.62 3.94 25.12
CA GLN B 20 -19.51 3.23 24.50
C GLN B 20 -19.92 1.85 24.05
N TYR B 21 -20.48 1.04 24.95
CA TYR B 21 -20.83 -0.31 24.54
C TYR B 21 -21.97 -0.30 23.52
N GLY B 22 -22.86 0.69 23.59
CA GLY B 22 -23.89 0.77 22.57
C GLY B 22 -23.31 1.01 21.20
N ARG B 23 -22.32 1.90 21.10
CA ARG B 23 -21.67 2.14 19.83
C ARG B 23 -20.85 0.93 19.40
N PHE B 24 -20.30 0.18 20.37
CA PHE B 24 -19.59 -1.06 20.07
C PHE B 24 -20.53 -2.07 19.41
N LEU B 25 -21.74 -2.20 19.92
CA LEU B 25 -22.69 -3.14 19.30
C LEU B 25 -23.09 -2.68 17.90
N GLU B 26 -23.24 -1.37 17.70
CA GLU B 26 -23.71 -0.89 16.41
C GLU B 26 -22.66 -1.08 15.32
N VAL B 27 -21.39 -0.82 15.61
CA VAL B 27 -20.37 -1.21 14.65
C VAL B 27 -20.45 -2.71 14.40
N THR B 28 -20.55 -3.49 15.48
CA THR B 28 -20.63 -4.94 15.33
C THR B 28 -21.86 -5.34 14.53
N SER B 29 -22.99 -4.65 14.77
CA SER B 29 -24.25 -4.98 14.10
C SER B 29 -24.10 -5.04 12.60
N GLY B 30 -23.27 -4.18 12.04
CA GLY B 30 -23.12 -4.11 10.60
C GLY B 30 -22.24 -5.15 9.96
N ALA B 31 -21.74 -6.13 10.70
CA ALA B 31 -20.86 -7.13 10.11
C ALA B 31 -21.60 -7.99 9.08
N GLN B 32 -22.88 -8.28 9.32
CA GLN B 32 -23.63 -9.11 8.37
C GLN B 32 -23.72 -8.43 7.01
N GLN B 33 -24.16 -7.17 7.00
CA GLN B 33 -24.32 -6.47 5.73
C GLN B 33 -22.97 -6.31 5.03
N ARG B 34 -21.92 -5.99 5.77
CA ARG B 34 -20.59 -5.88 5.17
C ARG B 34 -20.19 -7.19 4.51
N PHE B 35 -20.48 -8.32 5.17
CA PHE B 35 -20.18 -9.64 4.60
C PHE B 35 -21.04 -9.89 3.36
N GLU B 36 -22.34 -9.61 3.46
CA GLU B 36 -23.26 -9.95 2.37
C GLU B 36 -22.87 -9.24 1.08
N GLN B 37 -22.42 -7.99 1.18
CA GLN B 37 -22.00 -7.24 0.01
C GLN B 37 -20.48 -7.28 -0.17
N ALA B 38 -19.83 -8.28 0.42
CA ALA B 38 -18.40 -8.54 0.25
C ALA B 38 -17.55 -7.28 0.19
N ASP B 39 -17.88 -6.29 1.03
CA ASP B 39 -17.13 -5.04 1.09
C ASP B 39 -15.96 -5.24 2.05
N TRP B 40 -14.93 -5.92 1.54
CA TRP B 40 -13.86 -6.40 2.41
C TRP B 40 -13.04 -5.28 3.03
N HIS B 41 -12.95 -4.12 2.39
CA HIS B 41 -12.23 -3.01 3.01
C HIS B 41 -13.09 -2.31 4.04
N ALA B 42 -14.42 -2.38 3.89
CA ALA B 42 -15.30 -1.99 4.99
C ALA B 42 -15.10 -2.89 6.20
N VAL B 43 -14.97 -4.20 5.97
CA VAL B 43 -14.68 -5.12 7.07
C VAL B 43 -13.41 -4.72 7.78
N GLN B 44 -12.38 -4.35 7.01
CA GLN B 44 -11.10 -4.01 7.61
C GLN B 44 -11.20 -2.74 8.45
N GLN B 45 -11.86 -1.71 7.91
CA GLN B 45 -11.97 -0.43 8.61
C GLN B 45 -12.90 -0.52 9.81
N ALA B 46 -13.93 -1.37 9.74
CA ALA B 46 -14.81 -1.55 10.90
C ALA B 46 -14.02 -2.15 12.06
N MET B 47 -13.08 -3.05 11.76
CA MET B 47 -12.23 -3.61 12.81
C MET B 47 -11.31 -2.53 13.40
N LYS B 48 -10.74 -1.67 12.55
CA LYS B 48 -9.93 -0.56 13.05
C LYS B 48 -10.79 0.40 13.85
N ASN B 49 -11.96 0.78 13.32
CA ASN B 49 -12.83 1.70 14.05
C ASN B 49 -13.17 1.14 15.42
N ARG B 50 -13.69 -0.09 15.44
CA ARG B 50 -14.19 -0.70 16.66
C ARG B 50 -13.07 -0.88 17.67
N ILE B 51 -11.84 -1.10 17.21
CA ILE B 51 -10.73 -1.20 18.16
C ILE B 51 -10.53 0.13 18.88
N HIS B 52 -10.82 1.25 18.24
CA HIS B 52 -10.54 2.56 18.80
C HIS B 52 -11.70 3.12 19.62
N LEU B 53 -12.89 2.51 19.55
CA LEU B 53 -14.08 3.11 20.14
C LEU B 53 -13.90 3.39 21.63
N TYR B 54 -13.40 2.41 22.37
CA TYR B 54 -13.30 2.51 23.83
C TYR B 54 -12.46 3.72 24.25
N ASP B 55 -11.26 3.83 23.69
CA ASP B 55 -10.39 4.94 24.09
C ASP B 55 -11.00 6.28 23.75
N HIS B 56 -11.75 6.39 22.64
CA HIS B 56 -12.45 7.64 22.34
C HIS B 56 -13.40 8.02 23.45
N HIS B 57 -14.27 7.08 23.84
CA HIS B 57 -15.31 7.39 24.82
C HIS B 57 -14.70 7.68 26.19
N VAL B 58 -13.63 6.98 26.56
CA VAL B 58 -12.91 7.35 27.76
C VAL B 58 -12.40 8.78 27.65
N GLY B 59 -11.85 9.13 26.48
CA GLY B 59 -11.36 10.48 26.30
C GLY B 59 -12.45 11.52 26.51
N LEU B 60 -13.59 11.31 25.87
CA LEU B 60 -14.71 12.23 26.03
C LEU B 60 -15.12 12.36 27.48
N VAL B 61 -15.31 11.23 28.17
CA VAL B 61 -15.73 11.28 29.57
C VAL B 61 -14.69 12.00 30.40
N VAL B 62 -13.41 11.83 30.07
CA VAL B 62 -12.37 12.49 30.86
C VAL B 62 -12.43 13.99 30.65
N GLU B 63 -12.69 14.43 29.42
CA GLU B 63 -12.84 15.86 29.16
C GLU B 63 -14.08 16.41 29.85
N GLN B 64 -15.14 15.60 29.94
CA GLN B 64 -16.32 16.03 30.67
C GLN B 64 -16.01 16.16 32.16
N LEU B 65 -15.38 15.14 32.75
CA LEU B 65 -14.99 15.22 34.15
C LEU B 65 -14.07 16.40 34.39
N ARG B 66 -13.11 16.62 33.48
CA ARG B 66 -12.17 17.74 33.64
C ARG B 66 -12.90 19.07 33.69
N CYS B 67 -13.88 19.26 32.79
CA CYS B 67 -14.61 20.51 32.74
C CYS B 67 -15.54 20.68 33.92
N ILE B 68 -15.99 19.58 34.54
CA ILE B 68 -16.71 19.63 35.80
C ILE B 68 -15.76 20.03 36.93
N THR B 69 -14.47 20.10 36.62
CA THR B 69 -13.45 20.61 37.53
C THR B 69 -13.63 20.07 38.92
N ASP B 75 -9.75 15.59 45.99
CA ASP B 75 -9.26 14.91 47.20
C ASP B 75 -9.02 13.41 46.95
N ALA B 76 -8.52 12.73 47.98
CA ALA B 76 -8.32 11.29 47.98
C ALA B 76 -9.60 10.61 48.49
N GLU B 77 -10.13 11.11 49.60
CA GLU B 77 -11.43 10.64 50.08
C GLU B 77 -12.53 10.95 49.08
N PHE B 78 -12.41 12.06 48.34
CA PHE B 78 -13.36 12.38 47.29
C PHE B 78 -13.55 11.21 46.31
N LEU B 79 -12.45 10.69 45.78
CA LEU B 79 -12.56 9.67 44.75
C LEU B 79 -12.84 8.28 45.30
N LEU B 80 -12.62 8.04 46.59
CA LEU B 80 -13.16 6.82 47.18
C LEU B 80 -14.68 6.90 47.28
N ARG B 81 -15.23 8.12 47.31
CA ARG B 81 -16.68 8.31 47.32
C ARG B 81 -17.25 8.32 45.90
N VAL B 82 -16.52 8.85 44.92
CA VAL B 82 -16.91 8.61 43.52
C VAL B 82 -16.97 7.11 43.25
N LYS B 83 -15.93 6.38 43.68
CA LYS B 83 -15.90 4.94 43.46
C LYS B 83 -17.02 4.24 44.22
N GLU B 84 -17.32 4.71 45.44
CA GLU B 84 -18.39 4.07 46.19
C GLU B 84 -19.74 4.31 45.54
N HIS B 85 -19.98 5.53 45.06
CA HIS B 85 -21.23 5.82 44.36
C HIS B 85 -21.31 5.00 43.08
N TYR B 86 -20.20 4.92 42.34
CA TYR B 86 -20.16 4.09 41.14
C TYR B 86 -20.44 2.64 41.48
N THR B 87 -19.83 2.13 42.54
CA THR B 87 -20.08 0.74 42.93
C THR B 87 -21.56 0.51 43.19
N ARG B 88 -22.22 1.49 43.81
CA ARG B 88 -23.63 1.32 44.14
C ARG B 88 -24.52 1.33 42.91
N LEU B 89 -24.01 1.83 41.78
CA LEU B 89 -24.78 1.82 40.56
C LEU B 89 -24.74 0.47 39.86
N LEU B 90 -23.90 -0.43 40.31
CA LEU B 90 -23.63 -1.61 39.51
C LEU B 90 -24.49 -2.84 39.80
N PRO B 91 -25.03 -3.03 41.02
CA PRO B 91 -25.64 -4.32 41.37
C PRO B 91 -26.76 -4.74 40.44
N ASP B 92 -27.57 -3.83 39.89
CA ASP B 92 -28.47 -4.31 38.85
C ASP B 92 -27.85 -4.28 37.46
N TYR B 93 -26.77 -3.52 37.27
CA TYR B 93 -26.29 -3.19 35.93
C TYR B 93 -25.75 -4.45 35.27
N PRO B 94 -26.22 -4.81 34.06
CA PRO B 94 -25.87 -6.14 33.52
C PRO B 94 -24.43 -6.31 33.11
N ARG B 95 -23.83 -5.33 32.46
CA ARG B 95 -22.44 -5.44 31.99
C ARG B 95 -21.47 -4.80 32.97
N PHE B 96 -21.60 -5.16 34.26
CA PHE B 96 -20.89 -4.47 35.32
C PHE B 96 -19.38 -4.70 35.26
N GLU B 97 -18.95 -5.89 34.83
CA GLU B 97 -17.53 -6.18 34.82
C GLU B 97 -16.79 -5.21 33.89
N ILE B 98 -17.40 -4.85 32.76
CA ILE B 98 -16.80 -3.91 31.83
C ILE B 98 -17.04 -2.48 32.29
N ALA B 99 -18.17 -2.22 32.94
CA ALA B 99 -18.36 -0.93 33.57
C ALA B 99 -17.23 -0.62 34.54
N GLU B 100 -16.75 -1.63 35.26
CA GLU B 100 -15.62 -1.43 36.16
C GLU B 100 -14.35 -1.14 35.36
N SER B 101 -14.13 -1.87 34.27
CA SER B 101 -12.98 -1.58 33.42
C SER B 101 -13.03 -0.14 32.94
N PHE B 102 -14.20 0.32 32.50
CA PHE B 102 -14.31 1.66 31.95
C PHE B 102 -14.02 2.72 33.01
N PHE B 103 -14.50 2.50 34.23
CA PHE B 103 -14.11 3.37 35.33
C PHE B 103 -12.60 3.36 35.52
N ASN B 104 -12.00 2.16 35.52
CA ASN B 104 -10.55 2.05 35.69
C ASN B 104 -9.82 2.89 34.66
N SER B 105 -10.26 2.83 33.40
CA SER B 105 -9.60 3.58 32.33
C SER B 105 -9.76 5.07 32.53
N VAL B 106 -10.94 5.53 32.94
CA VAL B 106 -11.12 6.95 33.21
C VAL B 106 -10.20 7.39 34.32
N TYR B 107 -10.16 6.61 35.40
CA TYR B 107 -9.26 6.96 36.50
C TYR B 107 -7.82 7.11 36.01
N CYS B 108 -7.35 6.14 35.21
CA CYS B 108 -5.95 6.06 34.81
C CYS B 108 -5.56 7.24 33.91
N ARG B 109 -6.51 7.73 33.10
CA ARG B 109 -6.25 8.90 32.27
C ARG B 109 -6.13 10.12 33.16
N LEU B 110 -7.08 10.30 34.07
CA LEU B 110 -7.04 11.44 34.97
C LEU B 110 -5.73 11.47 35.75
N PHE B 111 -5.24 10.31 36.14
CA PHE B 111 -4.09 10.20 37.03
C PHE B 111 -2.86 9.63 36.33
N ASP B 112 -2.79 9.78 35.02
CA ASP B 112 -1.65 9.34 34.22
C ASP B 112 -1.15 7.98 34.67
N HIS B 113 -2.07 7.05 34.90
CA HIS B 113 -1.72 5.68 35.26
C HIS B 113 -0.77 5.62 36.45
N ARG B 114 -0.99 6.52 37.42
CA ARG B 114 -0.21 6.54 38.64
C ARG B 114 -1.11 6.19 39.82
N SER B 115 -0.50 5.63 40.86
CA SER B 115 -1.18 5.46 42.16
C SER B 115 -2.37 4.52 42.04
N LEU B 116 -2.20 3.43 41.30
CA LEU B 116 -3.27 2.45 41.12
C LEU B 116 -3.31 1.55 42.36
N THR B 117 -4.35 1.68 43.17
CA THR B 117 -4.51 0.78 44.31
C THR B 117 -5.89 0.15 44.30
N PRO B 118 -6.05 -1.01 44.94
CA PRO B 118 -7.35 -1.69 44.90
C PRO B 118 -8.47 -0.87 45.50
N GLU B 119 -8.14 0.10 46.35
CA GLU B 119 -9.16 0.94 46.95
C GLU B 119 -9.57 2.05 46.00
N ARG B 120 -8.66 2.54 45.17
CA ARG B 120 -8.95 3.69 44.32
C ARG B 120 -9.62 3.29 43.00
N LEU B 121 -9.47 2.05 42.56
CA LEU B 121 -10.12 1.61 41.35
C LEU B 121 -10.37 0.11 41.43
N PHE B 122 -11.03 -0.42 40.40
CA PHE B 122 -11.47 -1.81 40.40
C PHE B 122 -10.38 -2.72 39.84
N ILE B 123 -9.21 -2.69 40.50
CA ILE B 123 -8.17 -3.66 40.17
C ILE B 123 -8.74 -5.07 40.15
N PHE B 124 -9.55 -5.39 41.15
CA PHE B 124 -10.40 -6.57 41.15
C PHE B 124 -11.85 -6.10 41.21
N SER B 125 -12.76 -7.00 40.84
CA SER B 125 -14.16 -6.62 40.72
C SER B 125 -14.80 -6.36 42.08
N SER B 126 -15.75 -5.43 42.08
CA SER B 126 -16.49 -5.08 43.27
C SER B 126 -17.70 -5.98 43.51
N GLN B 127 -18.02 -6.86 42.57
CA GLN B 127 -19.25 -7.62 42.64
C GLN B 127 -18.99 -9.11 42.75
N PRO B 128 -19.89 -9.86 43.38
CA PRO B 128 -19.77 -11.32 43.33
C PRO B 128 -20.02 -11.78 41.91
N GLU B 129 -19.37 -12.88 41.51
CA GLU B 129 -19.55 -13.39 40.17
C GLU B 129 -20.98 -13.87 39.98
N ARG B 130 -21.49 -13.72 38.76
CA ARG B 130 -22.90 -13.97 38.50
C ARG B 130 -23.14 -15.05 37.45
N ARG B 131 -22.21 -15.99 37.27
CA ARG B 131 -22.41 -17.00 36.25
C ARG B 131 -23.54 -17.93 36.64
N PHE B 132 -24.03 -17.79 37.87
CA PHE B 132 -25.13 -18.59 38.38
C PHE B 132 -26.43 -18.30 37.64
N ARG B 133 -26.69 -17.03 37.35
CA ARG B 133 -28.04 -16.66 36.96
C ARG B 133 -28.39 -17.18 35.56
N THR B 134 -29.71 -17.26 35.31
CA THR B 134 -30.24 -17.69 34.03
C THR B 134 -30.20 -16.53 33.06
N ILE B 135 -29.60 -16.74 31.89
CA ILE B 135 -29.40 -15.66 30.93
C ILE B 135 -30.76 -15.06 30.58
N PRO B 136 -30.93 -13.74 30.74
CA PRO B 136 -32.25 -13.15 30.44
C PRO B 136 -32.79 -13.45 29.06
N ARG B 137 -31.95 -13.55 28.03
CA ARG B 137 -32.37 -13.93 26.70
C ARG B 137 -31.47 -15.08 26.26
N PRO B 138 -32.01 -16.22 25.82
CA PRO B 138 -31.14 -17.30 25.32
C PRO B 138 -30.18 -16.76 24.26
N LEU B 139 -28.92 -17.14 24.37
CA LEU B 139 -27.91 -16.81 23.37
C LEU B 139 -27.60 -17.96 22.41
N ALA B 140 -28.17 -19.14 22.63
CA ALA B 140 -27.96 -20.27 21.73
C ALA B 140 -29.23 -21.10 21.69
N LYS B 141 -29.36 -21.91 20.63
CA LYS B 141 -30.55 -22.67 20.33
C LYS B 141 -30.21 -24.15 20.22
N ASP B 142 -31.00 -25.00 20.88
CA ASP B 142 -30.82 -26.44 20.78
C ASP B 142 -31.42 -26.96 19.49
N PHE B 143 -30.78 -27.98 18.92
CA PHE B 143 -31.29 -28.63 17.71
C PHE B 143 -31.14 -30.13 17.85
N HIS B 144 -32.27 -30.87 18.01
CA HIS B 144 -32.21 -32.33 18.08
C HIS B 144 -32.60 -32.96 16.75
N PRO B 145 -32.03 -34.10 16.41
CA PRO B 145 -32.21 -34.68 15.06
C PRO B 145 -33.45 -35.58 14.96
N ASP B 146 -34.61 -35.02 15.32
CA ASP B 146 -35.81 -35.84 15.38
C ASP B 146 -36.11 -36.49 14.04
N HIS B 147 -35.93 -35.76 12.95
CA HIS B 147 -36.12 -36.27 11.60
C HIS B 147 -34.76 -36.41 10.90
N GLY B 148 -33.76 -36.83 11.65
CA GLY B 148 -32.44 -37.07 11.12
C GLY B 148 -31.63 -35.82 10.88
N TRP B 149 -30.34 -36.04 10.65
CA TRP B 149 -29.37 -34.95 10.55
C TRP B 149 -29.38 -34.27 9.20
N GLU B 150 -29.87 -34.95 8.15
CA GLU B 150 -29.93 -34.27 6.87
C GLU B 150 -30.81 -33.03 6.93
N SER B 151 -31.98 -33.13 7.59
CA SER B 151 -32.90 -32.00 7.65
C SER B 151 -32.81 -31.24 8.97
N LEU B 152 -31.92 -31.68 9.87
CA LEU B 152 -31.50 -30.84 10.98
C LEU B 152 -30.62 -29.73 10.43
N LEU B 153 -29.55 -30.09 9.74
CA LEU B 153 -28.65 -29.08 9.21
C LEU B 153 -29.31 -28.18 8.17
N MET B 154 -30.37 -28.64 7.51
CA MET B 154 -31.09 -27.77 6.59
C MET B 154 -32.01 -26.81 7.34
N ARG B 155 -32.34 -27.12 8.60
CA ARG B 155 -33.07 -26.18 9.44
C ARG B 155 -32.15 -25.05 9.87
N VAL B 156 -31.01 -25.39 10.47
CA VAL B 156 -30.08 -24.35 10.91
C VAL B 156 -29.61 -23.51 9.73
N ILE B 157 -29.26 -24.14 8.62
CA ILE B 157 -28.75 -23.38 7.48
C ILE B 157 -29.82 -22.49 6.88
N SER B 158 -31.04 -23.01 6.72
CA SER B 158 -32.19 -22.19 6.35
C SER B 158 -32.46 -21.06 7.36
N ASP B 159 -32.36 -21.36 8.66
CA ASP B 159 -32.68 -20.36 9.68
C ASP B 159 -31.67 -19.23 9.73
N LEU B 160 -30.52 -19.36 9.07
CA LEU B 160 -29.51 -18.31 9.09
C LEU B 160 -30.10 -17.01 8.56
N PRO B 161 -29.71 -15.85 9.11
CA PRO B 161 -30.24 -14.58 8.60
C PRO B 161 -29.56 -14.08 7.33
N LEU B 162 -28.53 -14.78 6.85
CA LEU B 162 -27.76 -14.28 5.71
C LEU B 162 -28.64 -14.24 4.47
N ARG B 163 -28.53 -13.15 3.72
CA ARG B 163 -29.39 -12.93 2.57
C ARG B 163 -28.65 -13.14 1.27
N LEU B 164 -28.24 -14.39 1.03
CA LEU B 164 -27.59 -14.75 -0.22
C LEU B 164 -27.99 -16.17 -0.56
N HIS B 165 -27.89 -16.51 -1.84
CA HIS B 165 -28.19 -17.87 -2.30
C HIS B 165 -26.96 -18.75 -2.13
N TRP B 166 -27.21 -20.03 -1.89
CA TRP B 166 -26.14 -20.99 -1.67
C TRP B 166 -25.68 -21.64 -2.97
N GLN B 167 -24.38 -21.88 -3.07
CA GLN B 167 -23.84 -22.62 -4.19
C GLN B 167 -24.49 -23.99 -4.28
N ASN B 168 -24.56 -24.70 -3.15
CA ASN B 168 -25.20 -26.01 -3.12
C ASN B 168 -25.45 -26.38 -1.66
N LYS B 169 -26.64 -26.03 -1.16
CA LYS B 169 -26.92 -26.31 0.24
C LYS B 169 -26.77 -27.81 0.50
N SER B 170 -27.35 -28.63 -0.37
CA SER B 170 -27.50 -30.05 -0.03
C SER B 170 -26.17 -30.77 -0.05
N ARG B 171 -25.28 -30.36 -0.94
CA ARG B 171 -23.91 -30.85 -0.90
C ARG B 171 -23.26 -30.52 0.43
N ASP B 172 -23.23 -29.24 0.79
CA ASP B 172 -22.57 -28.82 2.03
C ASP B 172 -23.13 -29.59 3.21
N ILE B 173 -24.44 -29.86 3.21
CA ILE B 173 -25.03 -30.66 4.28
C ILE B 173 -24.46 -32.07 4.26
N HIS B 174 -24.35 -32.69 3.08
CA HIS B 174 -23.80 -34.04 3.01
C HIS B 174 -22.36 -34.05 3.48
N TYR B 175 -21.56 -33.08 3.03
CA TYR B 175 -20.20 -32.92 3.54
C TYR B 175 -20.17 -33.00 5.06
N ILE B 176 -21.03 -32.23 5.72
CA ILE B 176 -21.00 -32.17 7.18
C ILE B 176 -21.38 -33.52 7.76
N ILE B 177 -22.30 -34.23 7.11
CA ILE B 177 -22.72 -35.53 7.61
C ILE B 177 -21.58 -36.53 7.54
N ARG B 178 -20.83 -36.53 6.44
CA ARG B 178 -19.66 -37.39 6.33
C ARG B 178 -18.73 -37.19 7.52
N HIS B 179 -18.43 -35.92 7.82
CA HIS B 179 -17.53 -35.62 8.92
C HIS B 179 -18.07 -36.15 10.24
N LEU B 180 -19.35 -35.86 10.52
CA LEU B 180 -19.94 -36.29 11.79
C LEU B 180 -19.97 -37.82 11.87
N THR B 181 -20.32 -38.49 10.77
CA THR B 181 -20.33 -39.95 10.76
C THR B 181 -18.94 -40.51 10.97
N GLU B 182 -17.98 -40.07 10.15
CA GLU B 182 -16.61 -40.56 10.28
C GLU B 182 -16.03 -40.26 11.65
N THR B 183 -16.58 -39.29 12.37
CA THR B 183 -16.00 -38.88 13.65
C THR B 183 -16.66 -39.59 14.82
N LEU B 184 -17.99 -39.71 14.78
CA LEU B 184 -18.72 -40.30 15.88
C LEU B 184 -19.19 -41.72 15.59
N GLY B 185 -19.26 -42.13 14.33
CA GLY B 185 -19.84 -43.39 13.98
C GLY B 185 -21.35 -43.29 14.01
N PRO B 186 -22.03 -43.97 13.09
CA PRO B 186 -23.48 -43.74 12.94
C PRO B 186 -24.27 -43.87 14.24
N GLU B 187 -23.82 -44.73 15.16
CA GLU B 187 -24.58 -44.96 16.38
C GLU B 187 -24.57 -43.73 17.29
N ASN B 188 -23.36 -43.27 17.68
CA ASN B 188 -23.25 -42.14 18.59
C ASN B 188 -23.89 -40.89 17.99
N LEU B 189 -23.82 -40.77 16.67
CA LEU B 189 -24.45 -39.64 16.01
C LEU B 189 -25.94 -39.52 16.28
N SER B 190 -26.67 -40.64 16.40
CA SER B 190 -28.13 -40.62 16.55
C SER B 190 -28.54 -40.05 17.93
N LYS B 191 -27.84 -40.40 19.00
CA LYS B 191 -28.09 -39.81 20.34
C LYS B 191 -27.13 -38.65 20.56
N SER B 192 -27.17 -37.74 19.60
CA SER B 192 -26.38 -36.52 19.66
C SER B 192 -27.19 -35.34 19.13
N HIS B 193 -26.84 -34.13 19.59
CA HIS B 193 -27.51 -32.94 19.09
C HIS B 193 -26.56 -31.76 19.10
N LEU B 194 -27.03 -30.66 18.52
CA LEU B 194 -26.29 -29.41 18.46
C LEU B 194 -26.94 -28.41 19.41
N GLN B 195 -26.10 -27.53 19.97
CA GLN B 195 -26.53 -26.26 20.53
C GLN B 195 -25.68 -25.20 19.83
N VAL B 196 -26.29 -24.41 18.95
CA VAL B 196 -25.54 -23.48 18.12
C VAL B 196 -25.88 -22.06 18.53
N ALA B 197 -24.86 -21.23 18.70
CA ALA B 197 -25.03 -19.84 19.11
C ALA B 197 -25.87 -19.14 18.07
N ASN B 198 -26.71 -18.20 18.52
CA ASN B 198 -27.66 -17.58 17.62
C ASN B 198 -27.03 -16.46 16.80
N GLU B 199 -25.86 -15.96 17.21
CA GLU B 199 -25.15 -14.94 16.44
C GLU B 199 -23.99 -15.58 15.70
N LEU B 200 -23.80 -15.16 14.46
CA LEU B 200 -22.63 -15.58 13.70
C LEU B 200 -21.41 -14.75 14.09
N PHE B 201 -20.25 -15.39 14.07
CA PHE B 201 -18.99 -14.76 14.41
C PHE B 201 -18.32 -14.37 13.09
N TYR B 202 -18.29 -13.07 12.79
CA TYR B 202 -17.74 -12.61 11.52
C TYR B 202 -16.27 -12.25 11.66
N ARG B 203 -15.47 -12.67 10.68
CA ARG B 203 -14.07 -12.28 10.59
C ARG B 203 -13.61 -12.28 9.13
N ASN B 204 -13.05 -11.17 8.69
CA ASN B 204 -12.61 -10.99 7.31
C ASN B 204 -13.65 -11.48 6.32
N LYS B 205 -13.35 -12.51 5.53
CA LYS B 205 -14.27 -12.91 4.48
C LYS B 205 -15.13 -14.08 4.91
N ALA B 206 -15.27 -14.33 6.21
CA ALA B 206 -15.96 -15.52 6.68
C ALA B 206 -17.03 -15.12 7.70
N ALA B 207 -18.10 -15.91 7.71
CA ALA B 207 -19.16 -15.83 8.70
C ALA B 207 -19.18 -17.19 9.38
N TRP B 208 -18.79 -17.24 10.65
CA TRP B 208 -18.65 -18.51 11.35
C TRP B 208 -19.91 -18.84 12.14
N LEU B 209 -20.49 -20.00 11.86
CA LEU B 209 -21.45 -20.60 12.78
C LEU B 209 -20.66 -21.31 13.87
N VAL B 210 -21.01 -21.07 15.12
CA VAL B 210 -20.27 -21.60 16.27
C VAL B 210 -21.26 -22.37 17.13
N GLY B 211 -21.00 -23.66 17.33
CA GLY B 211 -21.93 -24.50 18.06
C GLY B 211 -21.25 -25.45 19.01
N LYS B 212 -22.06 -26.13 19.80
CA LYS B 212 -21.62 -27.24 20.64
C LYS B 212 -22.24 -28.52 20.10
N LEU B 213 -21.40 -29.53 19.91
CA LEU B 213 -21.85 -30.84 19.45
C LEU B 213 -21.93 -31.77 20.65
N ILE B 214 -23.14 -32.00 21.14
CA ILE B 214 -23.35 -32.75 22.38
C ILE B 214 -23.53 -34.23 22.05
N THR B 215 -22.62 -35.04 22.54
CA THR B 215 -22.54 -36.46 22.24
C THR B 215 -22.83 -37.26 23.50
N PRO B 216 -22.97 -38.59 23.39
CA PRO B 216 -23.01 -39.39 24.63
C PRO B 216 -21.81 -39.20 25.54
N SER B 217 -20.60 -39.23 24.97
CA SER B 217 -19.36 -39.17 25.74
C SER B 217 -19.03 -37.77 26.25
N GLY B 218 -19.68 -36.71 25.78
CA GLY B 218 -19.33 -35.37 26.18
C GLY B 218 -19.68 -34.38 25.09
N THR B 219 -19.20 -33.15 25.27
CA THR B 219 -19.53 -32.05 24.37
C THR B 219 -18.29 -31.61 23.63
N LEU B 220 -18.45 -31.24 22.37
CA LEU B 220 -17.35 -30.90 21.49
C LEU B 220 -17.61 -29.60 20.74
N PRO B 221 -16.56 -28.94 20.26
CA PRO B 221 -16.77 -27.80 19.36
C PRO B 221 -17.49 -28.23 18.09
N PHE B 222 -18.24 -27.28 17.51
CA PHE B 222 -18.89 -27.50 16.21
C PHE B 222 -18.83 -26.18 15.45
N LEU B 223 -17.86 -26.06 14.56
CA LEU B 223 -17.63 -24.82 13.84
C LEU B 223 -17.85 -25.02 12.35
N LEU B 224 -18.70 -24.19 11.76
CA LEU B 224 -18.86 -24.17 10.31
C LEU B 224 -18.47 -22.81 9.80
N PRO B 225 -17.34 -22.67 9.09
CA PRO B 225 -17.02 -21.36 8.47
C PRO B 225 -17.78 -21.21 7.15
N ILE B 226 -18.51 -20.12 7.02
CA ILE B 226 -19.29 -19.82 5.81
C ILE B 226 -18.51 -18.82 4.98
N HIS B 227 -18.20 -19.19 3.74
CA HIS B 227 -17.43 -18.37 2.81
C HIS B 227 -18.32 -17.92 1.64
N GLN B 228 -17.71 -17.18 0.70
CA GLN B 228 -18.42 -16.68 -0.47
C GLN B 228 -17.69 -17.05 -1.77
N THR B 229 -18.47 -17.44 -2.77
CA THR B 229 -17.99 -17.50 -4.14
C THR B 229 -17.48 -16.14 -4.62
N ASP B 230 -16.58 -16.17 -5.59
CA ASP B 230 -16.24 -14.95 -6.32
C ASP B 230 -17.47 -14.22 -6.88
N ASP B 231 -18.54 -14.94 -7.20
CA ASP B 231 -19.75 -14.32 -7.75
C ASP B 231 -20.71 -13.89 -6.65
N GLY B 232 -20.71 -14.63 -5.55
CA GLY B 232 -21.51 -14.26 -4.39
C GLY B 232 -22.54 -15.22 -3.86
N GLU B 233 -22.18 -16.49 -3.87
CA GLU B 233 -22.98 -17.56 -3.32
C GLU B 233 -22.31 -18.17 -2.10
N LEU B 234 -23.12 -18.61 -1.16
CA LEU B 234 -22.60 -19.05 0.13
C LEU B 234 -22.22 -20.53 0.08
N PHE B 235 -21.14 -20.88 0.76
CA PHE B 235 -20.83 -22.28 0.99
C PHE B 235 -20.12 -22.46 2.31
N ILE B 236 -20.25 -23.67 2.86
CA ILE B 236 -19.59 -24.06 4.10
C ILE B 236 -18.31 -24.78 3.72
N ASP B 237 -17.17 -24.20 4.08
CA ASP B 237 -15.87 -24.71 3.66
C ASP B 237 -15.44 -25.93 4.45
N THR B 238 -16.02 -26.16 5.64
CA THR B 238 -15.65 -27.33 6.43
C THR B 238 -16.46 -27.45 7.71
N CYS B 239 -16.03 -28.37 8.58
CA CYS B 239 -16.67 -28.59 9.87
C CYS B 239 -15.59 -29.04 10.84
N LEU B 240 -15.43 -28.31 11.93
CA LEU B 240 -14.38 -28.56 12.90
C LEU B 240 -15.01 -28.99 14.22
N THR B 241 -14.51 -30.09 14.79
CA THR B 241 -15.11 -30.65 15.99
C THR B 241 -14.09 -31.02 17.07
N THR B 242 -12.84 -30.61 16.93
CA THR B 242 -11.85 -30.82 17.98
C THR B 242 -11.60 -29.52 18.75
N THR B 243 -11.31 -29.67 20.04
CA THR B 243 -11.00 -28.48 20.83
C THR B 243 -9.75 -27.79 20.31
N ALA B 244 -8.76 -28.56 19.88
CA ALA B 244 -7.52 -27.95 19.38
C ALA B 244 -7.81 -27.06 18.19
N GLU B 245 -8.62 -27.54 17.24
CA GLU B 245 -8.97 -26.74 16.07
C GLU B 245 -9.74 -25.49 16.49
N ALA B 246 -10.66 -25.63 17.45
CA ALA B 246 -11.41 -24.46 17.93
C ALA B 246 -10.46 -23.46 18.59
N SER B 247 -9.55 -23.96 19.42
CA SER B 247 -8.58 -23.06 20.06
C SER B 247 -7.85 -22.22 19.02
N ILE B 248 -7.57 -22.81 17.86
CA ILE B 248 -6.83 -22.09 16.83
C ILE B 248 -7.71 -21.04 16.16
N VAL B 249 -8.96 -21.39 15.88
CA VAL B 249 -9.87 -20.43 15.27
C VAL B 249 -10.01 -19.19 16.16
N PHE B 250 -10.13 -19.40 17.47
CA PHE B 250 -10.15 -18.32 18.45
C PHE B 250 -8.75 -17.99 18.99
N GLY B 251 -7.71 -18.05 18.15
CA GLY B 251 -6.35 -17.94 18.65
C GLY B 251 -5.88 -16.50 18.85
N PHE B 252 -4.92 -16.35 19.77
CA PHE B 252 -4.43 -15.02 20.12
C PHE B 252 -3.77 -14.32 18.94
N ALA B 253 -3.42 -15.06 17.89
CA ALA B 253 -2.77 -14.48 16.72
C ALA B 253 -3.74 -14.15 15.61
N ARG B 254 -5.05 -14.33 15.83
CA ARG B 254 -6.04 -13.97 14.83
C ARG B 254 -6.76 -12.69 15.22
N SER B 255 -7.34 -12.03 14.21
CA SER B 255 -8.20 -10.89 14.46
C SER B 255 -9.36 -11.30 15.37
N TYR B 256 -9.81 -10.37 16.19
CA TYR B 256 -10.98 -10.61 17.02
C TYR B 256 -12.20 -10.87 16.14
N PHE B 257 -13.15 -11.61 16.71
CA PHE B 257 -14.43 -11.81 16.05
C PHE B 257 -15.34 -10.59 16.23
N MET B 258 -16.21 -10.38 15.25
CA MET B 258 -17.31 -9.44 15.34
C MET B 258 -18.56 -10.26 15.56
N VAL B 259 -19.03 -10.30 16.79
CA VAL B 259 -20.17 -11.12 17.19
C VAL B 259 -21.06 -10.29 18.09
N TYR B 260 -22.32 -10.10 17.68
CA TYR B 260 -23.27 -9.29 18.44
C TYR B 260 -23.45 -9.92 19.82
N ALA B 261 -23.00 -9.22 20.86
CA ALA B 261 -23.04 -9.78 22.22
C ALA B 261 -23.54 -8.72 23.19
N PRO B 262 -24.85 -8.67 23.42
CA PRO B 262 -25.39 -7.70 24.41
C PRO B 262 -24.98 -8.01 25.84
N LEU B 263 -24.74 -9.28 26.17
CA LEU B 263 -24.20 -9.69 27.46
C LEU B 263 -22.89 -10.43 27.19
N PRO B 264 -21.79 -9.71 27.01
CA PRO B 264 -20.55 -10.40 26.62
C PRO B 264 -20.11 -11.44 27.63
N ALA B 265 -20.32 -11.20 28.92
CA ALA B 265 -19.90 -12.18 29.92
C ALA B 265 -20.65 -13.49 29.76
N ALA B 266 -21.92 -13.43 29.37
CA ALA B 266 -22.66 -14.66 29.14
C ALA B 266 -22.06 -15.44 27.99
N LEU B 267 -21.73 -14.76 26.88
CA LEU B 267 -21.10 -15.43 25.75
C LEU B 267 -19.74 -16.02 26.13
N VAL B 268 -18.96 -15.30 26.94
CA VAL B 268 -17.70 -15.85 27.40
C VAL B 268 -17.94 -17.16 28.15
N GLU B 269 -18.92 -17.15 29.06
CA GLU B 269 -19.20 -18.37 29.83
C GLU B 269 -19.57 -19.52 28.91
N TRP B 270 -20.52 -19.29 28.00
CA TRP B 270 -20.95 -20.32 27.06
C TRP B 270 -19.78 -20.84 26.26
N LEU B 271 -18.83 -19.97 25.93
CA LEU B 271 -17.71 -20.38 25.10
C LEU B 271 -16.74 -21.28 25.84
N ARG B 272 -16.74 -21.25 27.17
CA ARG B 272 -15.75 -22.02 27.92
C ARG B 272 -15.81 -23.51 27.60
N GLU B 273 -17.01 -24.08 27.46
CA GLU B 273 -17.12 -25.53 27.27
C GLU B 273 -16.30 -25.97 26.08
N ILE B 274 -16.51 -25.33 24.93
CA ILE B 274 -15.54 -25.42 23.86
C ILE B 274 -14.40 -24.48 24.24
N LEU B 275 -13.29 -24.64 23.62
CA LEU B 275 -12.17 -23.79 24.04
C LEU B 275 -11.87 -23.85 25.54
N PRO B 276 -11.74 -25.04 26.13
CA PRO B 276 -11.50 -25.11 27.58
C PRO B 276 -10.13 -24.59 28.03
N GLY B 277 -9.19 -24.37 27.11
CA GLY B 277 -7.85 -23.95 27.47
C GLY B 277 -7.64 -22.46 27.67
N LYS B 278 -8.57 -21.63 27.23
CA LYS B 278 -8.34 -20.18 27.19
C LYS B 278 -8.64 -19.53 28.53
N THR B 279 -7.81 -18.58 28.90
CA THR B 279 -8.13 -17.75 30.05
C THR B 279 -9.36 -16.90 29.75
N THR B 280 -9.94 -16.32 30.81
CA THR B 280 -11.08 -15.41 30.63
C THR B 280 -10.70 -14.21 29.79
N ALA B 281 -9.52 -13.62 30.04
CA ALA B 281 -9.06 -12.51 29.22
C ALA B 281 -9.03 -12.91 27.76
N GLU B 282 -8.53 -14.11 27.47
CA GLU B 282 -8.44 -14.54 26.09
C GLU B 282 -9.80 -14.70 25.44
N LEU B 283 -10.79 -15.18 26.19
CA LEU B 283 -12.12 -15.32 25.61
C LEU B 283 -12.72 -13.94 25.33
N TYR B 284 -12.57 -13.01 26.27
CA TYR B 284 -13.06 -11.65 26.02
C TYR B 284 -12.36 -11.02 24.82
N MET B 285 -11.05 -11.24 24.71
CA MET B 285 -10.32 -10.66 23.60
C MET B 285 -10.68 -11.33 22.28
N ALA B 286 -11.14 -12.59 22.31
CA ALA B 286 -11.52 -13.28 21.07
C ALA B 286 -12.83 -12.74 20.52
N ILE B 287 -13.72 -12.28 21.40
CA ILE B 287 -14.97 -11.68 20.96
C ILE B 287 -14.88 -10.17 20.90
N GLY B 288 -13.69 -9.60 21.03
CA GLY B 288 -13.46 -8.21 20.71
C GLY B 288 -13.41 -7.27 21.89
N CYS B 289 -13.59 -7.76 23.12
CA CYS B 289 -13.51 -6.91 24.31
C CYS B 289 -12.04 -6.84 24.74
N GLN B 290 -11.28 -6.10 23.92
CA GLN B 290 -9.83 -6.01 24.06
C GLN B 290 -9.45 -5.24 25.32
N LYS B 291 -10.07 -4.09 25.56
CA LYS B 291 -9.71 -3.31 26.76
C LYS B 291 -10.14 -4.03 28.02
N HIS B 292 -11.32 -4.66 28.02
CA HIS B 292 -11.68 -5.40 29.22
C HIS B 292 -10.79 -6.61 29.42
N ALA B 293 -10.35 -7.23 28.31
CA ALA B 293 -9.39 -8.32 28.41
C ALA B 293 -8.12 -7.86 29.10
N LYS B 294 -7.70 -6.61 28.85
CA LYS B 294 -6.54 -6.08 29.56
C LYS B 294 -6.78 -6.07 31.06
N THR B 295 -7.94 -5.56 31.48
CA THR B 295 -8.28 -5.60 32.90
C THR B 295 -8.21 -7.02 33.43
N GLU B 296 -8.86 -7.96 32.75
CA GLU B 296 -8.88 -9.32 33.26
C GLU B 296 -7.49 -9.93 33.24
N SER B 297 -6.64 -9.51 32.30
CA SER B 297 -5.32 -10.11 32.18
C SER B 297 -4.37 -9.60 33.27
N TYR B 298 -4.53 -8.35 33.71
CA TYR B 298 -3.76 -7.92 34.88
C TYR B 298 -4.18 -8.67 36.13
N ARG B 299 -5.46 -9.02 36.22
CA ARG B 299 -5.93 -9.84 37.33
C ARG B 299 -5.30 -11.22 37.27
N GLU B 300 -5.33 -11.84 36.09
CA GLU B 300 -4.68 -13.14 35.92
C GLU B 300 -3.20 -13.08 36.29
N TYR B 301 -2.53 -11.98 35.95
CA TYR B 301 -1.12 -11.81 36.28
C TYR B 301 -0.92 -11.72 37.80
N LEU B 302 -1.76 -10.94 38.47
CA LEU B 302 -1.66 -10.78 39.91
C LEU B 302 -1.89 -12.10 40.59
N VAL B 303 -2.93 -12.83 40.15
CA VAL B 303 -3.22 -14.15 40.71
C VAL B 303 -1.99 -15.04 40.61
N TYR B 304 -1.43 -15.16 39.41
CA TYR B 304 -0.28 -16.03 39.21
C TYR B 304 0.89 -15.59 40.08
N LEU B 305 1.21 -14.30 40.06
CA LEU B 305 2.36 -13.77 40.80
C LEU B 305 2.29 -14.14 42.27
N GLN B 306 1.12 -14.04 42.89
CA GLN B 306 1.03 -14.27 44.31
C GLN B 306 1.23 -15.74 44.65
N GLY B 307 0.89 -16.63 43.73
CA GLY B 307 1.00 -18.05 43.97
C GLY B 307 2.29 -18.65 43.45
N CYS B 308 2.99 -17.90 42.62
CA CYS B 308 4.29 -18.32 42.16
C CYS B 308 5.33 -18.01 43.22
N ASN B 309 6.37 -18.83 43.26
CA ASN B 309 7.50 -18.59 44.16
C ASN B 309 8.80 -18.50 43.38
N GLU B 310 8.76 -17.82 42.24
CA GLU B 310 9.90 -17.61 41.37
C GLU B 310 10.00 -16.13 41.04
N GLN B 311 11.14 -15.74 40.52
CA GLN B 311 11.39 -14.34 40.20
C GLN B 311 11.30 -14.11 38.70
N PHE B 312 11.10 -12.83 38.35
CA PHE B 312 11.17 -12.43 36.95
C PHE B 312 12.57 -12.68 36.40
N ILE B 313 12.65 -13.23 35.19
CA ILE B 313 13.95 -13.49 34.55
C ILE B 313 13.88 -13.02 33.10
N GLU B 314 15.05 -12.74 32.52
CA GLU B 314 15.12 -12.50 31.08
C GLU B 314 14.54 -13.71 30.36
N ALA B 315 13.81 -13.47 29.27
CA ALA B 315 13.14 -14.55 28.55
C ALA B 315 14.17 -15.38 27.80
N PRO B 316 14.02 -16.71 27.78
CA PRO B 316 14.99 -17.55 27.05
C PRO B 316 15.03 -17.22 25.55
N GLY B 317 16.23 -17.32 24.98
CA GLY B 317 16.44 -17.23 23.55
C GLY B 317 17.47 -16.17 23.22
N ILE B 318 17.47 -15.77 21.94
CA ILE B 318 18.45 -14.80 21.48
C ILE B 318 18.06 -13.43 22.00
N ARG B 319 18.99 -12.78 22.68
CA ARG B 319 18.69 -11.49 23.27
C ARG B 319 18.39 -10.47 22.17
N GLY B 320 17.30 -9.74 22.35
CA GLY B 320 16.95 -8.72 21.39
C GLY B 320 17.86 -7.51 21.50
N MET B 321 18.10 -6.87 20.36
CA MET B 321 18.90 -5.66 20.32
C MET B 321 18.08 -4.38 20.28
N VAL B 322 16.75 -4.46 20.21
CA VAL B 322 15.97 -3.25 20.46
C VAL B 322 15.04 -3.45 21.65
N MET B 323 14.53 -4.68 21.85
CA MET B 323 13.64 -4.93 22.98
C MET B 323 14.34 -5.74 24.06
N LEU B 324 13.95 -5.48 25.30
CA LEU B 324 14.34 -6.26 26.46
C LEU B 324 13.12 -7.03 26.92
N VAL B 325 13.26 -8.33 27.10
CA VAL B 325 12.12 -9.23 27.23
C VAL B 325 12.30 -10.11 28.45
N PHE B 326 11.34 -10.06 29.38
CA PHE B 326 11.39 -10.88 30.57
C PHE B 326 10.04 -11.57 30.78
N THR B 327 10.03 -12.46 31.77
CA THR B 327 8.87 -13.32 32.03
C THR B 327 9.04 -13.93 33.43
N LEU B 328 8.02 -14.70 33.82
CA LEU B 328 8.05 -15.56 35.00
C LEU B 328 8.14 -17.00 34.55
N PRO B 329 8.99 -17.81 35.19
CA PRO B 329 9.22 -19.17 34.69
C PRO B 329 8.00 -19.96 34.26
N GLY B 330 6.94 -19.97 35.06
CA GLY B 330 5.75 -20.72 34.72
C GLY B 330 4.65 -19.94 34.06
N PHE B 331 4.90 -18.70 33.65
CA PHE B 331 3.90 -17.76 33.16
C PHE B 331 3.75 -17.87 31.65
N ASP B 332 2.53 -17.58 31.18
CA ASP B 332 2.17 -17.74 29.78
C ASP B 332 2.30 -16.44 28.97
N ARG B 333 3.02 -15.46 29.50
CA ARG B 333 3.15 -14.18 28.84
C ARG B 333 4.57 -13.68 29.01
N VAL B 334 4.99 -12.81 28.09
CA VAL B 334 6.27 -12.12 28.19
C VAL B 334 5.99 -10.62 28.29
N PHE B 335 6.96 -9.91 28.86
CA PHE B 335 6.95 -8.45 28.95
C PHE B 335 8.08 -7.92 28.06
N LYS B 336 7.75 -7.01 27.14
CA LYS B 336 8.73 -6.51 26.19
C LYS B 336 8.82 -5.00 26.36
N VAL B 337 9.99 -4.52 26.76
CA VAL B 337 10.22 -3.08 26.95
C VAL B 337 11.27 -2.62 25.96
N ILE B 338 11.02 -1.45 25.36
CA ILE B 338 11.92 -0.89 24.36
C ILE B 338 13.18 -0.40 25.04
N LYS B 339 14.33 -0.72 24.46
CA LYS B 339 15.59 -0.37 25.06
C LYS B 339 15.84 1.12 24.96
N ASP B 340 16.69 1.65 25.84
CA ASP B 340 17.04 3.06 25.78
C ASP B 340 17.87 3.37 24.54
N LYS B 341 18.91 2.58 24.27
CA LYS B 341 19.75 2.75 23.08
C LYS B 341 19.80 1.42 22.36
N PHE B 342 19.64 1.46 21.04
CA PHE B 342 19.71 0.24 20.26
C PHE B 342 21.15 0.03 19.79
N ALA B 343 21.46 -1.23 19.43
CA ALA B 343 22.77 -1.60 18.94
C ALA B 343 23.16 -0.63 17.83
N PRO B 344 24.45 -0.31 17.67
CA PRO B 344 24.81 0.74 16.69
C PRO B 344 24.39 0.39 15.27
N GLN B 345 24.13 -0.89 14.98
CA GLN B 345 23.66 -1.29 13.66
C GLN B 345 22.32 -0.64 13.35
N LYS B 346 21.37 -0.76 14.27
CA LYS B 346 20.00 -0.40 13.99
C LYS B 346 19.79 1.11 14.10
N GLU B 347 19.42 1.69 13.01
CA GLU B 347 19.22 3.13 12.89
C GLU B 347 17.72 3.34 12.93
N MET B 348 17.24 3.46 14.14
CA MET B 348 15.85 3.74 14.38
C MET B 348 15.44 4.33 15.73
N SER B 349 14.21 4.84 15.68
CA SER B 349 13.59 5.51 16.80
C SER B 349 12.74 4.59 17.69
N ALA B 350 12.69 4.91 18.98
CA ALA B 350 11.66 4.34 19.84
C ALA B 350 10.27 4.58 19.24
N ALA B 351 10.07 5.73 18.60
CA ALA B 351 8.78 6.04 18.01
C ALA B 351 8.46 5.12 16.83
N HIS B 352 9.48 4.74 16.06
CA HIS B 352 9.26 3.75 15.00
C HIS B 352 8.79 2.43 15.60
N VAL B 353 9.47 1.97 16.65
CA VAL B 353 9.10 0.71 17.29
C VAL B 353 7.64 0.77 17.75
N ARG B 354 7.29 1.81 18.50
CA ARG B 354 5.90 1.96 18.95
C ARG B 354 4.96 1.95 17.76
N ALA B 355 5.37 2.60 16.66
CA ALA B 355 4.52 2.66 15.47
C ALA B 355 4.33 1.29 14.85
N CYS B 356 5.38 0.46 14.84
CA CYS B 356 5.24 -0.86 14.25
C CYS B 356 4.35 -1.76 15.08
N TYR B 357 4.43 -1.64 16.41
CA TYR B 357 3.52 -2.39 17.28
C TYR B 357 2.09 -1.95 17.04
N GLN B 358 1.89 -0.65 16.79
CA GLN B 358 0.56 -0.12 16.50
C GLN B 358 0.08 -0.59 15.13
N LEU B 359 0.98 -0.65 14.14
CA LEU B 359 0.61 -1.22 12.86
C LEU B 359 0.05 -2.63 13.02
N VAL B 360 0.79 -3.48 13.73
CA VAL B 360 0.36 -4.86 13.93
C VAL B 360 -0.94 -4.92 14.71
N LYS B 361 -1.09 -4.08 15.73
CA LYS B 361 -2.28 -4.19 16.58
C LYS B 361 -3.56 -3.98 15.77
N GLU B 362 -3.55 -3.06 14.83
CA GLU B 362 -4.75 -2.78 14.04
C GLU B 362 -4.69 -3.39 12.64
N HIS B 363 -3.77 -4.32 12.40
CA HIS B 363 -3.71 -5.03 11.14
C HIS B 363 -4.45 -6.36 11.27
N ASP B 364 -4.90 -6.90 10.14
CA ASP B 364 -5.35 -8.28 10.17
C ASP B 364 -4.13 -9.14 10.45
N ARG B 365 -4.03 -9.70 11.65
CA ARG B 365 -2.83 -10.43 12.02
C ARG B 365 -2.78 -11.80 11.39
N VAL B 366 -3.87 -12.24 10.78
CA VAL B 366 -3.87 -13.34 9.82
C VAL B 366 -3.25 -14.58 10.44
N GLY B 367 -3.39 -14.72 11.76
CA GLY B 367 -2.94 -15.90 12.46
C GLY B 367 -1.45 -16.03 12.57
N ARG B 368 -0.70 -14.99 12.24
CA ARG B 368 0.74 -15.08 12.18
C ARG B 368 1.45 -13.99 12.97
N MET B 369 0.73 -13.15 13.70
CA MET B 369 1.33 -12.12 14.54
C MET B 369 0.58 -12.07 15.87
N ALA B 370 1.33 -11.99 16.95
CA ALA B 370 0.76 -12.02 18.29
C ALA B 370 0.09 -10.69 18.63
N ASP B 371 -1.06 -10.77 19.29
CA ASP B 371 -1.67 -9.57 19.87
C ASP B 371 -0.81 -9.10 21.03
N THR B 372 -0.70 -7.78 21.19
CA THR B 372 0.04 -7.19 22.30
C THR B 372 -0.89 -6.32 23.12
N GLN B 373 -0.57 -6.19 24.41
CA GLN B 373 -1.31 -5.31 25.32
C GLN B 373 -0.30 -4.34 25.93
N GLU B 374 -0.46 -3.07 25.58
CA GLU B 374 0.46 -2.02 26.01
C GLU B 374 0.11 -1.55 27.41
N PHE B 375 1.12 -1.43 28.25
CA PHE B 375 0.97 -0.93 29.61
C PHE B 375 1.88 0.28 29.81
N GLU B 376 1.40 1.25 30.58
CA GLU B 376 2.21 2.39 31.01
C GLU B 376 2.35 2.34 32.52
N ASN B 377 3.52 2.71 33.02
CA ASN B 377 3.82 2.65 34.45
C ASN B 377 3.36 1.33 35.07
N PHE B 378 3.96 0.25 34.56
CA PHE B 378 3.76 -1.07 35.14
C PHE B 378 4.68 -1.22 36.35
N VAL B 379 4.09 -1.59 37.48
CA VAL B 379 4.77 -1.56 38.77
C VAL B 379 5.16 -2.96 39.17
N LEU B 380 6.42 -3.14 39.57
CA LEU B 380 6.92 -4.41 40.05
C LEU B 380 7.58 -4.27 41.41
N GLU B 381 7.46 -5.32 42.22
CA GLU B 381 8.19 -5.39 43.48
C GLU B 381 9.66 -5.73 43.20
N LYS B 382 10.56 -4.94 43.77
CA LYS B 382 11.99 -5.25 43.62
C LYS B 382 12.30 -6.68 44.04
N ARG B 383 11.72 -7.15 45.14
CA ARG B 383 12.01 -8.48 45.65
C ARG B 383 11.57 -9.58 44.69
N HIS B 384 10.72 -9.25 43.72
CA HIS B 384 10.27 -10.26 42.76
C HIS B 384 11.22 -10.40 41.58
N ILE B 385 12.25 -9.55 41.46
CA ILE B 385 13.07 -9.48 40.25
C ILE B 385 14.43 -10.08 40.51
N SER B 386 14.71 -11.17 39.83
CA SER B 386 16.03 -11.75 39.67
C SER B 386 17.10 -10.66 39.63
N PRO B 387 18.22 -10.89 40.33
CA PRO B 387 19.36 -9.95 40.20
C PRO B 387 19.88 -9.84 38.78
N ALA B 388 19.87 -10.92 38.00
CA ALA B 388 20.30 -10.85 36.61
C ALA B 388 19.43 -9.88 35.83
N LEU B 389 18.10 -10.03 35.94
CA LEU B 389 17.18 -9.16 35.22
C LEU B 389 17.30 -7.73 35.70
N MET B 390 17.46 -7.53 37.01
CA MET B 390 17.54 -6.17 37.53
C MET B 390 18.77 -5.45 36.98
N GLU B 391 19.90 -6.15 36.86
CA GLU B 391 21.07 -5.54 36.24
C GLU B 391 20.78 -5.18 34.79
N LEU B 392 20.12 -6.09 34.06
CA LEU B 392 19.76 -5.82 32.68
C LEU B 392 18.84 -4.62 32.58
N LEU B 393 17.82 -4.57 33.44
CA LEU B 393 16.87 -3.48 33.39
C LEU B 393 17.57 -2.13 33.55
N LEU B 394 18.53 -2.06 34.47
CA LEU B 394 19.19 -0.79 34.75
C LEU B 394 20.28 -0.48 33.74
N GLN B 395 20.89 -1.51 33.14
CA GLN B 395 21.85 -1.25 32.08
C GLN B 395 21.16 -0.76 30.81
N GLU B 396 20.09 -1.45 30.40
CA GLU B 396 19.54 -1.28 29.07
C GLU B 396 18.28 -0.43 29.02
N ALA B 397 17.57 -0.27 30.13
CA ALA B 397 16.29 0.41 30.16
C ALA B 397 16.23 1.44 31.28
N ALA B 398 17.35 2.10 31.55
CA ALA B 398 17.42 2.98 32.71
C ALA B 398 16.42 4.13 32.64
N GLU B 399 16.33 4.79 31.49
CA GLU B 399 15.43 5.93 31.36
C GLU B 399 13.97 5.56 31.58
N LYS B 400 13.63 4.28 31.50
CA LYS B 400 12.25 3.83 31.63
C LYS B 400 11.95 3.27 33.01
N ILE B 401 12.89 3.38 33.94
CA ILE B 401 12.72 2.87 35.30
C ILE B 401 12.77 4.05 36.25
N THR B 402 11.88 4.05 37.23
CA THR B 402 11.96 5.00 38.33
C THR B 402 11.88 4.20 39.63
N ASP B 403 12.69 4.61 40.60
CA ASP B 403 12.75 3.90 41.88
C ASP B 403 11.66 4.38 42.82
N LEU B 404 11.03 3.46 43.51
CA LEU B 404 10.05 3.80 44.55
C LEU B 404 10.27 2.92 45.77
N GLY B 405 11.50 2.92 46.27
CA GLY B 405 11.83 2.12 47.43
C GLY B 405 11.75 0.63 47.21
N GLU B 406 10.64 0.01 47.60
CA GLU B 406 10.53 -1.44 47.52
C GLU B 406 10.03 -1.91 46.17
N GLN B 407 9.76 -1.01 45.24
CA GLN B 407 9.25 -1.35 43.92
C GLN B 407 9.89 -0.45 42.88
N ILE B 408 9.80 -0.86 41.61
CA ILE B 408 10.17 0.00 40.50
C ILE B 408 8.96 0.19 39.61
N VAL B 409 9.05 1.19 38.73
CA VAL B 409 7.99 1.51 37.78
C VAL B 409 8.60 1.53 36.38
N ILE B 410 8.07 0.69 35.49
CA ILE B 410 8.47 0.69 34.09
C ILE B 410 7.51 1.59 33.33
N ARG B 411 8.06 2.61 32.67
CA ARG B 411 7.24 3.63 32.04
C ARG B 411 6.35 3.02 30.95
N HIS B 412 6.87 2.04 30.24
CA HIS B 412 6.20 1.54 29.03
C HIS B 412 6.71 0.15 28.72
N LEU B 413 5.77 -0.76 28.47
CA LEU B 413 6.12 -2.11 28.06
C LEU B 413 4.93 -2.69 27.31
N TYR B 414 5.19 -3.80 26.62
CA TYR B 414 4.13 -4.56 25.96
C TYR B 414 4.07 -5.94 26.62
N ILE B 415 2.84 -6.44 26.81
CA ILE B 415 2.63 -7.82 27.26
C ILE B 415 2.10 -8.63 26.07
N GLU B 416 2.71 -9.79 25.86
CA GLU B 416 2.47 -10.63 24.69
C GLU B 416 2.37 -12.08 25.16
N ARG B 417 1.51 -12.84 24.49
CA ARG B 417 1.42 -14.26 24.76
C ARG B 417 2.77 -14.92 24.53
N ARG B 418 3.19 -15.75 25.49
CA ARG B 418 4.50 -16.36 25.41
C ARG B 418 4.50 -17.62 24.56
N MET B 419 5.54 -17.78 23.76
CA MET B 419 5.72 -18.93 22.90
C MET B 419 7.15 -19.45 23.07
N VAL B 420 7.44 -20.57 22.44
CA VAL B 420 8.80 -21.09 22.37
C VAL B 420 9.47 -20.49 21.12
N PRO B 421 10.52 -19.69 21.27
CA PRO B 421 11.23 -19.19 20.09
C PRO B 421 11.59 -20.33 19.15
N LEU B 422 11.35 -20.09 17.85
CA LEU B 422 11.51 -21.15 16.85
C LEU B 422 12.95 -21.64 16.79
N ASN B 423 13.93 -20.77 17.06
CA ASN B 423 15.31 -21.23 17.06
C ASN B 423 15.55 -22.25 18.16
N ILE B 424 14.77 -22.19 19.24
CA ILE B 424 14.81 -23.23 20.26
C ILE B 424 13.98 -24.45 19.83
N TRP B 425 12.77 -24.21 19.34
CA TRP B 425 11.90 -25.30 18.93
C TRP B 425 12.60 -26.24 17.95
N LEU B 426 13.32 -25.68 16.97
CA LEU B 426 13.92 -26.48 15.93
C LEU B 426 15.05 -27.34 16.47
N GLU B 427 15.63 -26.99 17.62
CA GLU B 427 16.59 -27.87 18.27
C GLU B 427 15.93 -28.94 19.13
N GLN B 428 14.61 -28.89 19.28
CA GLN B 428 13.92 -29.78 20.20
C GLN B 428 13.14 -30.87 19.51
N VAL B 429 12.89 -30.72 18.22
CA VAL B 429 11.86 -31.43 17.50
C VAL B 429 12.47 -32.02 16.24
N GLU B 430 11.98 -33.18 15.83
CA GLU B 430 12.69 -34.02 14.88
C GLU B 430 11.71 -34.74 13.97
N GLY B 431 12.24 -35.20 12.85
CA GLY B 431 11.49 -35.97 11.89
C GLY B 431 10.25 -35.29 11.34
N GLN B 432 9.08 -35.77 11.75
CA GLN B 432 7.82 -35.26 11.23
C GLN B 432 7.44 -33.95 11.91
N GLN B 433 7.53 -33.92 13.25
CA GLN B 433 7.35 -32.67 13.98
C GLN B 433 8.27 -31.57 13.44
N LEU B 434 9.47 -31.93 12.99
CA LEU B 434 10.37 -30.93 12.44
C LEU B 434 9.93 -30.50 11.05
N ARG B 435 9.46 -31.45 10.24
CA ARG B 435 8.91 -31.11 8.93
C ARG B 435 7.74 -30.14 9.10
N ASP B 436 6.86 -30.43 10.06
CA ASP B 436 5.69 -29.60 10.27
C ASP B 436 6.09 -28.20 10.71
N ALA B 437 7.18 -28.08 11.47
CA ALA B 437 7.61 -26.76 11.92
C ALA B 437 8.11 -25.92 10.74
N ILE B 438 8.86 -26.53 9.82
CA ILE B 438 9.40 -25.78 8.68
C ILE B 438 8.28 -25.46 7.68
N GLU B 439 7.33 -26.38 7.53
CA GLU B 439 6.14 -26.07 6.74
C GLU B 439 5.44 -24.84 7.29
N GLU B 440 5.25 -24.81 8.61
CA GLU B 440 4.56 -23.69 9.24
C GLU B 440 5.38 -22.40 9.13
N TYR B 441 6.71 -22.50 9.31
CA TYR B 441 7.56 -21.33 9.22
C TYR B 441 7.43 -20.65 7.86
N GLY B 442 7.56 -21.42 6.79
CA GLY B 442 7.42 -20.85 5.46
C GLY B 442 6.01 -20.34 5.19
N ASN B 443 5.01 -21.07 5.66
CA ASN B 443 3.64 -20.61 5.50
C ASN B 443 3.38 -19.34 6.30
N ALA B 444 4.01 -19.17 7.46
CA ALA B 444 3.91 -17.90 8.16
C ALA B 444 4.43 -16.76 7.29
N ILE B 445 5.61 -16.96 6.69
CA ILE B 445 6.13 -15.98 5.74
C ILE B 445 5.11 -15.72 4.63
N ARG B 446 4.73 -16.79 3.93
CA ARG B 446 3.85 -16.65 2.78
C ARG B 446 2.57 -15.92 3.17
N GLN B 447 1.91 -16.36 4.24
CA GLN B 447 0.64 -15.75 4.61
C GLN B 447 0.81 -14.28 4.99
N LEU B 448 1.91 -13.96 5.67
CA LEU B 448 2.18 -12.55 6.00
C LEU B 448 2.44 -11.74 4.74
N ALA B 449 3.21 -12.31 3.80
CA ALA B 449 3.51 -11.58 2.57
C ALA B 449 2.23 -11.25 1.83
N ALA B 450 1.35 -12.24 1.66
CA ALA B 450 0.08 -12.01 0.97
C ALA B 450 -0.81 -11.03 1.71
N ALA B 451 -0.55 -10.79 3.00
CA ALA B 451 -1.30 -9.80 3.75
C ALA B 451 -0.58 -8.47 3.80
N ASN B 452 0.36 -8.26 2.89
CA ASN B 452 1.08 -6.99 2.74
C ASN B 452 2.01 -6.70 3.91
N ILE B 453 2.39 -7.72 4.67
CA ILE B 453 3.38 -7.59 5.74
C ILE B 453 4.66 -8.25 5.25
N PHE B 454 5.71 -7.46 5.05
CA PHE B 454 7.02 -8.03 4.83
C PHE B 454 7.71 -8.18 6.18
N PRO B 455 8.07 -9.40 6.59
CA PRO B 455 8.53 -9.57 7.98
C PRO B 455 9.82 -8.85 8.29
N GLY B 456 10.61 -8.47 7.29
CA GLY B 456 11.83 -7.76 7.56
C GLY B 456 12.97 -8.68 7.95
N ASP B 457 13.13 -8.94 9.24
CA ASP B 457 14.21 -9.80 9.75
C ASP B 457 13.58 -11.15 10.09
N MET B 458 13.59 -12.06 9.10
CA MET B 458 12.81 -13.29 9.17
C MET B 458 13.56 -14.47 9.77
N LEU B 459 14.67 -14.23 10.45
CA LEU B 459 15.41 -15.32 11.08
C LEU B 459 14.53 -16.02 12.12
N PHE B 460 14.88 -17.29 12.38
CA PHE B 460 14.01 -18.12 13.22
C PHE B 460 13.80 -17.51 14.60
N LYS B 461 14.80 -16.82 15.14
CA LYS B 461 14.67 -16.29 16.49
C LYS B 461 13.54 -15.28 16.64
N ASN B 462 13.00 -14.78 15.53
CA ASN B 462 11.96 -13.76 15.56
C ASN B 462 10.57 -14.36 15.38
N PHE B 463 10.45 -15.68 15.46
CA PHE B 463 9.19 -16.37 15.40
C PHE B 463 9.04 -17.19 16.67
N GLY B 464 7.79 -17.44 17.05
CA GLY B 464 7.50 -18.26 18.21
C GLY B 464 6.64 -19.43 17.83
N VAL B 465 6.66 -20.49 18.63
CA VAL B 465 5.86 -21.68 18.38
C VAL B 465 4.84 -21.81 19.50
N THR B 466 3.58 -21.96 19.12
CA THR B 466 2.48 -21.98 20.07
C THR B 466 2.28 -23.38 20.66
N ARG B 467 1.38 -23.46 21.63
CA ARG B 467 1.06 -24.73 22.27
C ARG B 467 0.61 -25.76 21.23
N HIS B 468 -0.10 -25.30 20.19
CA HIS B 468 -0.57 -26.20 19.14
C HIS B 468 0.35 -26.29 17.93
N GLY B 469 1.61 -25.89 18.07
CA GLY B 469 2.59 -26.10 17.02
C GLY B 469 2.64 -25.07 15.92
N ARG B 470 1.91 -23.96 16.06
CA ARG B 470 1.85 -22.97 14.99
C ARG B 470 2.99 -21.96 15.16
N VAL B 471 3.49 -21.46 14.03
CA VAL B 471 4.60 -20.51 14.02
C VAL B 471 4.05 -19.10 13.86
N VAL B 472 4.49 -18.20 14.74
CA VAL B 472 3.91 -16.87 14.85
C VAL B 472 5.05 -15.86 14.96
N PHE B 473 4.96 -14.79 14.15
CA PHE B 473 5.95 -13.73 14.11
C PHE B 473 5.76 -12.79 15.30
N TYR B 474 6.88 -12.37 15.93
CA TYR B 474 6.77 -11.42 17.03
C TYR B 474 7.80 -10.29 17.04
N ASP B 475 8.68 -10.19 16.06
CA ASP B 475 9.66 -9.10 16.01
C ASP B 475 9.15 -8.04 15.03
N TYR B 476 8.53 -7.00 15.58
CA TYR B 476 7.75 -6.09 14.76
C TYR B 476 8.50 -4.88 14.25
N ASP B 477 9.68 -4.58 14.78
CA ASP B 477 10.28 -3.30 14.48
C ASP B 477 10.98 -3.26 13.13
N GLU B 478 11.11 -4.38 12.43
CA GLU B 478 11.60 -4.37 11.06
C GLU B 478 10.51 -4.69 10.06
N ILE B 479 9.25 -4.66 10.49
CA ILE B 479 8.12 -4.84 9.59
C ILE B 479 8.03 -3.65 8.63
N CYS B 480 7.66 -3.93 7.39
CA CYS B 480 7.16 -2.89 6.50
C CYS B 480 6.15 -3.52 5.55
N TYR B 481 5.37 -2.69 4.89
CA TYR B 481 4.40 -3.19 3.92
C TYR B 481 5.11 -3.75 2.70
N MET B 482 4.56 -4.84 2.17
CA MET B 482 5.12 -5.42 0.95
C MET B 482 5.22 -4.38 -0.16
N THR B 483 4.21 -3.52 -0.27
CA THR B 483 4.19 -2.53 -1.34
C THR B 483 5.32 -1.52 -1.21
N GLU B 484 5.92 -1.39 -0.03
CA GLU B 484 7.03 -0.47 0.15
C GLU B 484 8.38 -1.07 -0.22
N VAL B 485 8.42 -2.35 -0.57
CA VAL B 485 9.69 -3.07 -0.74
C VAL B 485 10.05 -3.12 -2.21
N ASN B 486 11.35 -3.00 -2.51
CA ASN B 486 11.87 -3.17 -3.86
C ASN B 486 12.65 -4.48 -3.92
N PHE B 487 12.02 -5.52 -4.46
CA PHE B 487 12.64 -6.84 -4.50
C PHE B 487 13.61 -6.91 -5.67
N ARG B 488 14.84 -7.33 -5.41
CA ARG B 488 15.87 -7.28 -6.42
C ARG B 488 16.58 -8.61 -6.58
N ASP B 489 17.13 -8.82 -7.79
CA ASP B 489 18.01 -9.95 -8.08
C ASP B 489 19.44 -9.50 -7.77
N ILE B 490 20.26 -10.42 -7.29
CA ILE B 490 21.60 -10.05 -6.84
C ILE B 490 22.51 -9.94 -8.07
N PRO B 491 23.27 -8.85 -8.22
CA PRO B 491 24.22 -8.80 -9.32
C PRO B 491 25.31 -9.84 -9.10
N PRO B 492 25.83 -10.44 -10.18
CA PRO B 492 26.86 -11.47 -10.02
C PRO B 492 28.12 -10.88 -9.44
N PRO B 493 29.08 -11.72 -9.03
CA PRO B 493 30.33 -11.28 -8.40
C PRO B 493 31.08 -10.14 -9.09
N TRP B 505 30.84 -5.10 -1.57
CA TRP B 505 30.19 -5.74 -2.70
C TRP B 505 29.28 -4.72 -3.42
N TYR B 506 28.03 -5.08 -3.63
CA TYR B 506 27.03 -4.23 -4.25
C TYR B 506 26.20 -3.58 -3.14
N SER B 507 25.79 -2.32 -3.33
CA SER B 507 24.95 -1.71 -2.30
C SER B 507 23.55 -1.34 -2.81
N VAL B 508 22.86 -0.51 -2.00
CA VAL B 508 21.42 -0.60 -1.77
C VAL B 508 20.76 0.78 -1.77
N SER B 509 19.58 0.86 -2.40
CA SER B 509 18.71 2.03 -2.44
C SER B 509 17.50 1.77 -1.54
N PRO B 510 16.78 2.81 -1.15
CA PRO B 510 15.71 2.63 -0.15
C PRO B 510 14.72 1.53 -0.50
N GLY B 511 14.50 0.62 0.45
CA GLY B 511 13.53 -0.45 0.30
C GLY B 511 14.02 -1.72 -0.38
N ASP B 512 15.30 -1.79 -0.73
CA ASP B 512 15.79 -2.92 -1.51
C ASP B 512 15.90 -4.18 -0.66
N VAL B 513 15.42 -5.29 -1.21
CA VAL B 513 15.52 -6.60 -0.56
C VAL B 513 15.95 -7.61 -1.61
N PHE B 514 16.91 -8.48 -1.23
CA PHE B 514 17.46 -9.50 -2.13
C PHE B 514 17.06 -10.88 -1.62
N PRO B 515 15.93 -11.44 -2.06
CA PRO B 515 15.49 -12.73 -1.49
C PRO B 515 16.51 -13.87 -1.62
N GLU B 516 17.44 -13.78 -2.57
CA GLU B 516 18.48 -14.80 -2.64
C GLU B 516 19.37 -14.77 -1.41
N GLU B 517 19.56 -13.59 -0.81
CA GLU B 517 20.35 -13.51 0.42
C GLU B 517 19.74 -14.32 1.55
N PHE B 518 18.42 -14.54 1.52
CA PHE B 518 17.81 -15.30 2.59
C PHE B 518 18.47 -16.66 2.75
N ARG B 519 19.00 -17.22 1.65
CA ARG B 519 19.44 -18.61 1.70
C ARG B 519 20.64 -18.76 2.63
N HIS B 520 21.50 -17.75 2.67
CA HIS B 520 22.65 -17.86 3.55
C HIS B 520 22.20 -18.16 4.97
N TRP B 521 21.28 -17.35 5.48
CA TRP B 521 20.81 -17.47 6.87
C TRP B 521 19.91 -18.68 7.06
N LEU B 522 18.96 -18.86 6.17
CA LEU B 522 17.88 -19.80 6.42
C LEU B 522 18.25 -21.23 6.07
N CYS B 523 19.31 -21.45 5.29
CA CYS B 523 19.68 -22.80 4.89
C CYS B 523 21.10 -23.17 5.33
N ALA B 524 21.68 -22.45 6.28
CA ALA B 524 23.03 -22.73 6.72
C ALA B 524 23.15 -24.05 7.47
N ASP B 525 22.04 -24.56 8.02
CA ASP B 525 22.08 -25.76 8.84
C ASP B 525 21.62 -26.96 8.02
N PRO B 526 22.41 -28.03 7.95
CA PRO B 526 22.02 -29.15 7.07
C PRO B 526 20.77 -29.89 7.50
N ARG B 527 20.35 -29.80 8.77
CA ARG B 527 19.11 -30.46 9.16
C ARG B 527 17.88 -29.73 8.63
N ILE B 528 18.00 -28.44 8.31
CA ILE B 528 16.86 -27.57 8.09
C ILE B 528 16.77 -27.11 6.63
N GLY B 529 17.87 -26.62 6.08
CA GLY B 529 17.88 -26.10 4.73
C GLY B 529 17.14 -26.97 3.73
N PRO B 530 17.60 -28.20 3.57
CA PRO B 530 16.93 -29.11 2.63
C PRO B 530 15.42 -29.14 2.72
N LEU B 531 14.87 -29.23 3.94
CA LEU B 531 13.43 -29.21 4.09
C LEU B 531 12.84 -27.90 3.58
N PHE B 532 13.55 -26.79 3.77
CA PHE B 532 13.08 -25.51 3.28
C PHE B 532 13.02 -25.48 1.75
N GLU B 533 14.11 -25.89 1.09
CA GLU B 533 14.09 -25.97 -0.36
C GLU B 533 12.89 -26.76 -0.85
N GLU B 534 12.66 -27.92 -0.21
CA GLU B 534 11.58 -28.79 -0.64
C GLU B 534 10.25 -28.08 -0.58
N MET B 535 10.02 -27.28 0.45
CA MET B 535 8.69 -26.76 0.70
C MET B 535 8.55 -25.26 0.45
N HIS B 536 9.65 -24.52 0.36
CA HIS B 536 9.54 -23.07 0.31
C HIS B 536 10.65 -22.46 -0.54
N ALA B 537 11.01 -23.12 -1.63
CA ALA B 537 12.07 -22.58 -2.49
C ALA B 537 11.62 -21.27 -3.15
N ASP B 538 10.31 -21.13 -3.40
CA ASP B 538 9.78 -19.88 -3.93
C ASP B 538 10.30 -18.66 -3.17
N LEU B 539 10.44 -18.78 -1.85
CA LEU B 539 10.74 -17.63 -1.02
C LEU B 539 12.11 -17.04 -1.28
N PHE B 540 12.97 -17.73 -2.03
CA PHE B 540 14.28 -17.20 -2.38
C PHE B 540 14.30 -16.55 -3.75
N ARG B 541 13.15 -16.49 -4.43
CA ARG B 541 13.05 -15.99 -5.80
C ARG B 541 12.38 -14.63 -5.77
N ALA B 542 13.09 -13.61 -6.26
CA ALA B 542 12.49 -12.28 -6.36
C ALA B 542 11.16 -12.31 -7.11
N ASP B 543 11.01 -13.21 -8.08
CA ASP B 543 9.79 -13.27 -8.87
C ASP B 543 8.60 -13.66 -8.00
N TYR B 544 8.80 -14.55 -7.04
CA TYR B 544 7.69 -14.96 -6.18
C TYR B 544 7.17 -13.77 -5.39
N TRP B 545 8.08 -13.04 -4.73
CA TRP B 545 7.67 -11.88 -3.94
C TRP B 545 7.06 -10.80 -4.82
N ARG B 546 7.68 -10.52 -5.96
CA ARG B 546 7.12 -9.53 -6.87
C ARG B 546 5.70 -9.92 -7.27
N ALA B 547 5.48 -11.21 -7.56
CA ALA B 547 4.13 -11.68 -7.88
C ALA B 547 3.17 -11.37 -6.75
N LEU B 548 3.55 -11.71 -5.52
CA LEU B 548 2.71 -11.41 -4.36
C LEU B 548 2.46 -9.91 -4.26
N GLN B 549 3.51 -9.12 -4.46
CA GLN B 549 3.37 -7.65 -4.45
C GLN B 549 2.28 -7.19 -5.41
N ASN B 550 2.28 -7.74 -6.62
CA ASN B 550 1.34 -7.28 -7.64
C ASN B 550 -0.09 -7.67 -7.28
N ARG B 551 -0.30 -8.92 -6.87
CA ARG B 551 -1.62 -9.34 -6.42
C ARG B 551 -2.15 -8.42 -5.34
N ILE B 552 -1.26 -7.89 -4.49
CA ILE B 552 -1.69 -6.96 -3.45
C ILE B 552 -2.13 -5.64 -4.08
N ARG B 553 -1.32 -5.14 -5.02
CA ARG B 553 -1.63 -3.86 -5.66
C ARG B 553 -2.86 -3.96 -6.56
N GLU B 554 -3.04 -5.08 -7.24
CA GLU B 554 -4.22 -5.29 -8.06
C GLU B 554 -5.44 -5.59 -7.19
N GLY B 555 -5.35 -5.26 -5.91
CA GLY B 555 -6.48 -5.26 -5.01
C GLY B 555 -6.88 -6.58 -4.38
N HIS B 556 -6.30 -7.70 -4.83
CA HIS B 556 -6.73 -9.01 -4.35
C HIS B 556 -6.36 -9.18 -2.87
N VAL B 557 -7.24 -9.87 -2.14
CA VAL B 557 -7.06 -10.14 -0.72
C VAL B 557 -7.02 -11.66 -0.55
N GLU B 558 -5.92 -12.17 0.00
CA GLU B 558 -5.68 -13.60 0.00
C GLU B 558 -6.55 -14.32 1.02
N ASP B 559 -7.19 -15.40 0.58
CA ASP B 559 -7.89 -16.27 1.50
C ASP B 559 -6.93 -16.78 2.55
N VAL B 560 -7.41 -16.89 3.79
CA VAL B 560 -6.64 -17.48 4.88
C VAL B 560 -7.56 -18.41 5.66
N TYR B 561 -7.12 -19.66 5.84
CA TYR B 561 -7.94 -20.69 6.47
C TYR B 561 -7.39 -20.99 7.85
N ALA B 562 -8.22 -20.80 8.88
CA ALA B 562 -7.80 -21.07 10.25
C ALA B 562 -7.82 -22.55 10.59
N TYR B 563 -7.42 -23.39 9.64
CA TYR B 563 -7.40 -24.84 9.78
C TYR B 563 -6.59 -25.40 8.62
N ARG B 564 -6.15 -26.66 8.76
CA ARG B 564 -5.31 -27.27 7.75
C ARG B 564 -6.05 -27.33 6.42
N ARG B 565 -5.32 -27.11 5.31
CA ARG B 565 -5.97 -27.14 4.01
C ARG B 565 -6.63 -28.50 3.76
N ARG B 566 -6.09 -29.58 4.33
CA ARG B 566 -6.69 -30.90 4.15
C ARG B 566 -8.15 -30.89 4.55
N GLN B 567 -8.49 -30.17 5.62
CA GLN B 567 -9.83 -30.25 6.17
C GLN B 567 -10.88 -29.57 5.31
N ARG B 568 -10.49 -28.78 4.31
CA ARG B 568 -11.48 -28.20 3.40
C ARG B 568 -12.27 -29.31 2.74
N PHE B 569 -13.60 -29.15 2.71
CA PHE B 569 -14.44 -30.16 2.06
C PHE B 569 -14.02 -30.35 0.60
N SER B 570 -13.82 -29.24 -0.13
CA SER B 570 -13.44 -29.31 -1.53
C SER B 570 -12.16 -30.11 -1.76
N VAL B 571 -11.36 -30.36 -0.72
CA VAL B 571 -10.10 -31.09 -0.84
C VAL B 571 -10.23 -32.50 -0.29
N ARG B 572 -10.61 -32.64 0.97
CA ARG B 572 -10.72 -33.99 1.50
C ARG B 572 -11.92 -34.74 0.96
N TYR B 573 -12.79 -34.10 0.19
CA TYR B 573 -13.95 -34.76 -0.41
C TYR B 573 -14.12 -34.33 -1.86
N GLY B 574 -13.01 -34.12 -2.57
CA GLY B 574 -13.08 -33.68 -3.95
C GLY B 574 -11.74 -33.51 -4.65
#